data_9FVD
#
_entry.id   9FVD
#
_cell.length_a   1.00
_cell.length_b   1.00
_cell.length_c   1.00
_cell.angle_alpha   90.00
_cell.angle_beta   90.00
_cell.angle_gamma   90.00
#
_symmetry.space_group_name_H-M   'P 1'
#
loop_
_entity.id
_entity.type
_entity.pdbx_description
1 polymer Nucleoprotein
2 polymer "RNA (5'-R(P*AP*GP*AP*CP*AP*CP*AP*CP*AP*AP*AP*AP*AP*CP*AP*AP*GP*A)-3')"
#
loop_
_entity_poly.entity_id
_entity_poly.type
_entity_poly.pdbx_seq_one_letter_code
_entity_poly.pdbx_strand_id
1 'polypeptide(L)'
;GMDLHSLLELGTKPTAPHVRNKKVILFDTNHQVSICNQIIDAINSGIDLGDLLEGGLLTLCVEHYYNSDKDKFNTSPIAK
YLRDAGYEFDVIKNADATRFLDVIPNEPHYSPLILALKTLESTESQRGRIGLFLSFCSLFLPKLVVGDRASIEKALRQVT
VHQEQGIVTYPNHWLTTGHMKVIFGILRSSFILKFVLIHQGVNLVTGHDAYDSIISNSVGQTRFSGLLIVKTVLEFILQK
TDSGVTLHPLVRTSKVKNEVASFKQALSNLARHGEYAPFARVLNLSGINNLEHGLYPQLSAIALGVATAHGSTLAGVNVG
EQYQQLREAAHDAEVKLQRRHEHQEIQAIAEDDEERKILEQFHLQKTEITHSQTLAVLSQKREKLARLAAEIENNIVEDQ
GFKQSQNRVSQSFLNDPTPVEVTVQARPMNRVEHHHHHHHH
;
B,A,C
2 'polyribonucleotide' AGACACACAAAAACAAGA S,R,Q,U,T
#
loop_
_chem_comp.id
_chem_comp.type
_chem_comp.name
_chem_comp.formula
A RNA linking ADENOSINE-5'-MONOPHOSPHATE 'C10 H14 N5 O7 P'
C RNA linking CYTIDINE-5'-MONOPHOSPHATE 'C9 H14 N3 O8 P'
G RNA linking GUANOSINE-5'-MONOPHOSPHATE 'C10 H14 N5 O8 P'
#
# COMPACT_ATOMS: atom_id res chain seq x y z
N GLY A 1 12.43 -21.78 33.74
CA GLY A 1 11.48 -22.08 32.67
C GLY A 1 11.72 -21.26 31.42
N MET A 2 12.63 -21.74 30.57
CA MET A 2 12.95 -21.04 29.34
C MET A 2 11.76 -21.08 28.39
N ASP A 3 11.66 -20.04 27.56
CA ASP A 3 10.53 -19.88 26.66
C ASP A 3 10.78 -20.72 25.41
N LEU A 4 9.98 -21.78 25.24
CA LEU A 4 10.13 -22.66 24.09
C LEU A 4 9.53 -22.07 22.81
N HIS A 5 8.41 -21.36 22.93
CA HIS A 5 7.71 -20.87 21.75
C HIS A 5 8.47 -19.77 21.02
N SER A 6 9.52 -19.21 21.64
CA SER A 6 10.36 -18.27 20.93
C SER A 6 11.06 -18.91 19.73
N LEU A 7 11.20 -20.23 19.72
CA LEU A 7 11.75 -20.91 18.56
C LEU A 7 10.80 -20.88 17.37
N LEU A 8 9.53 -20.58 17.62
CA LEU A 8 8.57 -20.39 16.54
C LEU A 8 8.65 -18.99 15.94
N GLU A 9 9.44 -18.10 16.52
CA GLU A 9 9.45 -16.69 16.15
C GLU A 9 10.82 -16.12 15.86
N LEU A 10 11.90 -16.76 16.31
CA LEU A 10 13.23 -16.15 16.18
C LEU A 10 13.64 -15.96 14.72
N GLY A 11 12.98 -16.65 13.79
CA GLY A 11 13.35 -16.51 12.40
C GLY A 11 12.86 -15.23 11.75
N THR A 12 12.05 -14.43 12.45
CA THR A 12 11.45 -13.23 11.88
C THR A 12 11.91 -11.94 12.55
N LYS A 13 13.03 -11.96 13.27
CA LYS A 13 13.58 -10.77 13.92
C LYS A 13 15.04 -10.62 13.51
N PRO A 14 15.30 -10.03 12.35
CA PRO A 14 16.67 -9.93 11.83
C PRO A 14 17.59 -9.00 12.62
N THR A 15 17.06 -8.26 13.61
CA THR A 15 17.84 -7.29 14.38
C THR A 15 18.50 -6.25 13.49
N ALA A 16 17.82 -5.84 12.42
CA ALA A 16 18.24 -4.78 11.51
C ALA A 16 19.65 -4.97 10.99
N PRO A 17 19.89 -5.95 10.13
CA PRO A 17 21.21 -6.12 9.53
C PRO A 17 21.32 -5.39 8.19
N HIS A 18 22.52 -5.39 7.63
CA HIS A 18 22.81 -4.75 6.36
C HIS A 18 23.36 -5.79 5.39
N VAL A 19 22.65 -5.99 4.28
CA VAL A 19 23.03 -7.00 3.28
C VAL A 19 23.18 -6.36 1.91
N ARG A 20 22.24 -5.48 1.57
CA ARG A 20 22.21 -4.87 0.24
C ARG A 20 23.49 -4.13 -0.09
N ASN A 21 23.95 -4.28 -1.32
CA ASN A 21 25.01 -3.44 -1.89
C ASN A 21 24.74 -3.36 -3.39
N LYS A 22 24.02 -2.33 -3.80
CA LYS A 22 23.67 -2.10 -5.20
C LYS A 22 24.42 -0.90 -5.73
N LYS A 23 25.03 -1.05 -6.91
CA LYS A 23 25.77 0.03 -7.55
C LYS A 23 24.81 0.82 -8.44
N VAL A 24 24.10 1.75 -7.80
CA VAL A 24 23.22 2.65 -8.54
C VAL A 24 24.04 3.85 -8.98
N ILE A 25 24.09 4.10 -10.28
CA ILE A 25 24.99 5.11 -10.85
C ILE A 25 24.17 6.34 -11.22
N LEU A 26 24.69 7.50 -10.82
CA LEU A 26 24.04 8.78 -11.09
C LEU A 26 24.76 9.47 -12.25
N PHE A 27 23.99 10.20 -13.05
CA PHE A 27 24.49 10.85 -14.25
C PHE A 27 24.37 12.35 -14.10
N ASP A 28 25.47 13.07 -14.36
CA ASP A 28 25.49 14.52 -14.39
C ASP A 28 25.66 14.94 -15.84
N THR A 29 24.56 15.32 -16.48
CA THR A 29 24.55 15.66 -17.89
C THR A 29 23.96 17.04 -18.07
N ASN A 30 24.66 17.87 -18.87
CA ASN A 30 24.13 19.19 -19.20
C ASN A 30 22.84 19.08 -20.01
N HIS A 31 22.76 18.11 -20.91
CA HIS A 31 21.55 17.85 -21.69
C HIS A 31 20.58 16.97 -20.88
N GLN A 32 20.29 17.44 -19.66
CA GLN A 32 19.47 16.66 -18.74
C GLN A 32 18.07 16.42 -19.30
N VAL A 33 17.42 17.48 -19.79
CA VAL A 33 16.10 17.31 -20.36
C VAL A 33 16.17 16.48 -21.63
N SER A 34 17.24 16.64 -22.41
CA SER A 34 17.38 15.86 -23.64
C SER A 34 17.53 14.37 -23.35
N ILE A 35 18.39 14.02 -22.39
CA ILE A 35 18.56 12.60 -22.07
C ILE A 35 17.29 12.04 -21.43
N CYS A 36 16.59 12.87 -20.64
CA CYS A 36 15.32 12.40 -20.07
C CYS A 36 14.29 12.13 -21.16
N ASN A 37 14.19 13.01 -22.15
CA ASN A 37 13.29 12.75 -23.26
C ASN A 37 13.71 11.52 -24.05
N GLN A 38 15.02 11.29 -24.19
CA GLN A 38 15.49 10.07 -24.83
C GLN A 38 15.09 8.84 -24.04
N ILE A 39 15.16 8.92 -22.71
CA ILE A 39 14.74 7.80 -21.87
C ILE A 39 13.25 7.53 -22.04
N ILE A 40 12.45 8.60 -22.08
CA ILE A 40 11.01 8.45 -22.26
C ILE A 40 10.71 7.81 -23.61
N ASP A 41 11.40 8.26 -24.66
CA ASP A 41 11.20 7.68 -25.99
C ASP A 41 11.62 6.22 -26.01
N ALA A 42 12.68 5.87 -25.28
CA ALA A 42 13.08 4.47 -25.20
C ALA A 42 12.01 3.63 -24.50
N ILE A 43 11.45 4.16 -23.40
CA ILE A 43 10.47 3.40 -22.64
C ILE A 43 9.19 3.21 -23.44
N ASN A 44 8.72 4.26 -24.11
CA ASN A 44 7.46 4.15 -24.85
C ASN A 44 7.57 3.15 -26.00
N SER A 45 8.78 2.85 -26.44
CA SER A 45 9.03 1.82 -27.44
C SER A 45 9.17 0.43 -26.86
N GLY A 46 8.92 0.28 -25.55
CA GLY A 46 9.04 -1.02 -24.92
C GLY A 46 10.44 -1.57 -24.85
N ILE A 47 11.41 -0.73 -24.47
CA ILE A 47 12.80 -1.14 -24.37
C ILE A 47 13.12 -1.39 -22.91
N ASP A 48 13.63 -2.58 -22.60
CA ASP A 48 13.98 -2.95 -21.24
C ASP A 48 15.43 -2.58 -20.98
N LEU A 49 15.65 -1.61 -20.08
CA LEU A 49 16.99 -1.15 -19.80
C LEU A 49 17.76 -2.10 -18.88
N GLY A 50 17.07 -2.98 -18.17
CA GLY A 50 17.72 -3.93 -17.29
C GLY A 50 18.55 -3.29 -16.20
N ASP A 51 19.88 -3.39 -16.32
CA ASP A 51 20.76 -2.78 -15.33
C ASP A 51 20.66 -1.27 -15.36
N LEU A 52 20.61 -0.68 -16.55
CA LEU A 52 20.52 0.77 -16.69
C LEU A 52 19.17 1.32 -16.23
N LEU A 53 18.20 0.44 -15.96
CA LEU A 53 16.86 0.89 -15.64
C LEU A 53 16.83 1.73 -14.38
N GLU A 54 17.52 1.28 -13.33
CA GLU A 54 17.54 2.03 -12.08
C GLU A 54 18.15 3.41 -12.28
N GLY A 55 19.27 3.49 -13.00
CA GLY A 55 19.89 4.78 -13.25
C GLY A 55 19.01 5.71 -14.08
N GLY A 56 18.38 5.18 -15.12
CA GLY A 56 17.52 6.02 -15.94
C GLY A 56 16.31 6.54 -15.18
N LEU A 57 15.66 5.67 -14.41
CA LEU A 57 14.51 6.13 -13.65
C LEU A 57 14.91 7.09 -12.53
N LEU A 58 16.07 6.89 -11.92
CA LEU A 58 16.56 7.86 -10.95
C LEU A 58 16.88 9.19 -11.61
N THR A 59 17.38 9.16 -12.85
CA THR A 59 17.59 10.41 -13.59
C THR A 59 16.28 11.14 -13.82
N LEU A 60 15.24 10.42 -14.22
CA LEU A 60 13.93 11.03 -14.37
C LEU A 60 13.43 11.60 -13.05
N CYS A 61 13.62 10.85 -11.97
CA CYS A 61 13.21 11.29 -10.64
C CYS A 61 13.89 12.60 -10.26
N VAL A 62 15.23 12.64 -10.39
CA VAL A 62 15.95 13.84 -9.98
C VAL A 62 15.61 15.01 -10.89
N GLU A 63 15.39 14.76 -12.18
CA GLU A 63 14.98 15.85 -13.07
C GLU A 63 13.65 16.44 -12.63
N HIS A 64 12.66 15.59 -12.38
CA HIS A 64 11.33 16.13 -12.14
C HIS A 64 11.16 16.72 -10.74
N TYR A 65 11.84 16.16 -9.73
CA TYR A 65 11.63 16.65 -8.38
C TYR A 65 12.72 17.58 -7.87
N TYR A 66 13.90 17.60 -8.48
CA TYR A 66 14.96 18.49 -8.02
C TYR A 66 15.51 19.38 -9.12
N ASN A 67 15.03 19.25 -10.35
CA ASN A 67 15.51 20.03 -11.48
C ASN A 67 17.01 19.84 -11.67
N SER A 68 17.41 18.57 -11.79
CA SER A 68 18.80 18.20 -12.03
C SER A 68 19.73 18.74 -10.94
N ASP A 69 19.29 18.67 -9.70
CA ASP A 69 20.10 19.04 -8.55
C ASP A 69 20.54 17.75 -7.85
N LYS A 70 21.84 17.57 -7.71
CA LYS A 70 22.40 16.36 -7.13
C LYS A 70 22.81 16.51 -5.67
N ASP A 71 23.19 17.72 -5.26
CA ASP A 71 23.60 17.93 -3.87
C ASP A 71 22.44 17.66 -2.92
N LYS A 72 21.26 18.18 -3.24
CA LYS A 72 20.10 17.96 -2.37
C LYS A 72 19.57 16.54 -2.48
N PHE A 73 19.66 15.94 -3.66
CA PHE A 73 19.17 14.57 -3.83
C PHE A 73 19.97 13.60 -2.96
N ASN A 74 21.29 13.73 -2.96
CA ASN A 74 22.13 12.78 -2.23
C ASN A 74 22.04 12.97 -0.72
N THR A 75 21.52 14.10 -0.25
CA THR A 75 21.26 14.32 1.16
C THR A 75 19.77 14.23 1.50
N SER A 76 18.94 13.84 0.54
CA SER A 76 17.52 13.74 0.76
C SER A 76 17.19 12.55 1.67
N PRO A 77 16.02 12.57 2.31
CA PRO A 77 15.63 11.42 3.13
C PRO A 77 15.58 10.11 2.36
N ILE A 78 15.25 10.16 1.06
CA ILE A 78 15.35 8.97 0.23
C ILE A 78 16.77 8.41 0.28
N ALA A 79 17.76 9.29 0.08
CA ALA A 79 19.15 8.85 0.04
C ALA A 79 19.58 8.28 1.39
N LYS A 80 19.20 8.91 2.49
CA LYS A 80 19.60 8.41 3.80
C LYS A 80 18.94 7.07 4.12
N TYR A 81 17.65 6.96 3.79
CA TYR A 81 16.95 5.71 4.08
C TYR A 81 17.53 4.58 3.25
N LEU A 82 17.96 4.87 2.01
CA LEU A 82 18.61 3.86 1.20
C LEU A 82 20.05 3.61 1.66
N ARG A 83 20.67 4.60 2.32
CA ARG A 83 21.91 4.33 3.02
C ARG A 83 21.69 3.22 4.04
N ASP A 84 20.61 3.34 4.82
CA ASP A 84 20.28 2.29 5.77
C ASP A 84 19.97 0.98 5.07
N ALA A 85 19.22 1.03 3.97
CA ALA A 85 18.80 -0.18 3.29
C ALA A 85 19.91 -0.85 2.51
N GLY A 86 20.99 -0.13 2.19
CA GLY A 86 22.11 -0.75 1.51
C GLY A 86 22.20 -0.42 0.03
N TYR A 87 21.92 0.82 -0.34
CA TYR A 87 22.02 1.28 -1.72
C TYR A 87 23.22 2.23 -1.82
N GLU A 88 24.04 2.03 -2.85
CA GLU A 88 25.20 2.89 -3.09
C GLU A 88 24.91 3.80 -4.28
N PHE A 89 25.06 5.09 -4.07
CA PHE A 89 24.82 6.11 -5.09
C PHE A 89 26.16 6.75 -5.45
N ASP A 90 26.54 6.66 -6.72
CA ASP A 90 27.75 7.28 -7.22
C ASP A 90 27.42 8.05 -8.49
N VAL A 91 28.13 9.15 -8.69
CA VAL A 91 27.86 10.09 -9.77
C VAL A 91 28.88 9.89 -10.89
N ILE A 92 28.40 9.90 -12.13
CA ILE A 92 29.23 9.78 -13.32
C ILE A 92 29.01 11.02 -14.16
N LYS A 93 30.11 11.66 -14.59
CA LYS A 93 30.05 12.93 -15.30
C LYS A 93 30.16 12.66 -16.81
N ASN A 94 29.04 12.28 -17.40
CA ASN A 94 28.95 12.15 -18.86
C ASN A 94 28.32 13.42 -19.43
N ALA A 95 29.08 14.50 -19.34
CA ALA A 95 28.56 15.82 -19.70
C ALA A 95 28.30 15.92 -21.20
N ASP A 96 29.19 15.36 -22.02
CA ASP A 96 29.11 15.49 -23.47
C ASP A 96 28.21 14.45 -24.11
N ALA A 97 27.60 13.57 -23.34
CA ALA A 97 26.76 12.53 -23.91
C ALA A 97 25.50 13.13 -24.51
N THR A 98 25.18 12.72 -25.73
CA THR A 98 23.97 13.14 -26.44
C THR A 98 23.06 11.97 -26.77
N ARG A 99 23.61 10.91 -27.36
CA ARG A 99 22.85 9.69 -27.58
C ARG A 99 22.65 8.95 -26.28
N PHE A 100 21.51 8.27 -26.15
CA PHE A 100 21.23 7.50 -24.94
C PHE A 100 22.26 6.40 -24.75
N LEU A 101 22.72 5.79 -25.86
CA LEU A 101 23.64 4.67 -25.78
C LEU A 101 24.99 5.07 -25.18
N ASP A 102 25.30 6.36 -25.17
CA ASP A 102 26.62 6.79 -24.69
C ASP A 102 26.77 6.54 -23.20
N VAL A 103 25.71 6.78 -22.42
CA VAL A 103 25.82 6.74 -20.96
C VAL A 103 25.81 5.33 -20.39
N ILE A 104 25.30 4.35 -21.11
CA ILE A 104 25.24 2.98 -20.58
C ILE A 104 26.64 2.39 -20.54
N PRO A 105 27.03 1.71 -19.44
CA PRO A 105 28.33 1.04 -19.35
C PRO A 105 28.46 -0.13 -20.33
N HIS A 109 26.48 -8.81 -22.18
CA HIS A 109 25.04 -9.07 -22.17
C HIS A 109 24.27 -7.86 -22.69
N TYR A 110 25.00 -6.82 -23.11
CA TYR A 110 24.39 -5.61 -23.63
C TYR A 110 23.89 -5.77 -25.06
N SER A 111 24.26 -6.86 -25.74
CA SER A 111 23.97 -7.00 -27.17
C SER A 111 22.48 -6.90 -27.49
N PRO A 112 21.57 -7.61 -26.80
CA PRO A 112 20.14 -7.38 -27.10
C PRO A 112 19.71 -5.94 -26.86
N LEU A 113 20.22 -5.31 -25.80
CA LEU A 113 19.84 -3.93 -25.52
C LEU A 113 20.36 -2.99 -26.60
N ILE A 114 21.61 -3.18 -27.03
CA ILE A 114 22.17 -2.34 -28.08
C ILE A 114 21.41 -2.53 -29.39
N LEU A 115 21.10 -3.78 -29.74
CA LEU A 115 20.34 -4.03 -30.96
C LEU A 115 18.94 -3.41 -30.89
N ALA A 116 18.31 -3.44 -29.71
CA ALA A 116 17.02 -2.78 -29.56
C ALA A 116 17.15 -1.26 -29.69
N LEU A 117 18.23 -0.70 -29.14
CA LEU A 117 18.43 0.74 -29.21
C LEU A 117 18.87 1.23 -30.59
N LYS A 118 19.32 0.32 -31.46
CA LYS A 118 19.51 0.67 -32.87
C LYS A 118 18.24 1.21 -33.52
N THR A 119 17.07 0.82 -33.04
CA THR A 119 15.82 1.29 -33.64
C THR A 119 15.53 2.75 -33.32
N LEU A 120 16.26 3.36 -32.40
CA LEU A 120 16.05 4.76 -32.06
C LEU A 120 16.64 5.68 -33.11
N GLY A 128 7.08 19.24 -19.90
CA GLY A 128 7.00 18.49 -18.66
C GLY A 128 6.56 17.06 -18.86
N ARG A 129 6.95 16.47 -20.00
CA ARG A 129 6.59 15.09 -20.32
C ARG A 129 7.13 14.11 -19.29
N ILE A 130 8.20 14.49 -18.58
CA ILE A 130 8.71 13.67 -17.48
C ILE A 130 7.64 13.51 -16.40
N GLY A 131 6.94 14.60 -16.08
CA GLY A 131 5.85 14.52 -15.13
C GLY A 131 4.73 13.63 -15.62
N LEU A 132 4.41 13.71 -16.92
CA LEU A 132 3.42 12.80 -17.48
C LEU A 132 3.83 11.35 -17.27
N PHE A 133 5.10 11.04 -17.56
CA PHE A 133 5.57 9.67 -17.42
C PHE A 133 5.51 9.20 -15.97
N LEU A 134 5.97 10.04 -15.03
CA LEU A 134 6.00 9.64 -13.63
C LEU A 134 4.60 9.48 -13.06
N SER A 135 3.69 10.39 -13.42
CA SER A 135 2.31 10.25 -12.96
C SER A 135 1.65 9.03 -13.57
N PHE A 136 1.93 8.74 -14.85
CA PHE A 136 1.39 7.54 -15.47
C PHE A 136 1.88 6.29 -14.75
N CYS A 137 3.16 6.26 -14.38
CA CYS A 137 3.68 5.13 -13.61
C CYS A 137 2.99 5.04 -12.26
N SER A 138 2.83 6.17 -11.58
CA SER A 138 2.20 6.16 -10.26
C SER A 138 0.76 5.67 -10.33
N LEU A 139 0.10 5.86 -11.48
CA LEU A 139 -1.26 5.36 -11.62
C LEU A 139 -1.35 3.86 -11.40
N PHE A 140 -0.26 3.13 -11.61
CA PHE A 140 -0.25 1.68 -11.44
C PHE A 140 -0.11 1.26 -9.98
N LEU A 141 0.27 2.17 -9.09
CA LEU A 141 0.51 1.79 -7.69
C LEU A 141 -0.71 1.25 -6.97
N PRO A 142 -1.91 1.87 -7.03
CA PRO A 142 -3.02 1.37 -6.20
C PRO A 142 -3.36 -0.09 -6.41
N LYS A 143 -3.31 -0.59 -7.65
CA LYS A 143 -3.64 -1.98 -7.94
C LYS A 143 -2.45 -2.70 -8.58
N LEU A 144 -1.24 -2.48 -8.06
CA LEU A 144 -0.06 -3.10 -8.63
C LEU A 144 0.04 -4.57 -8.27
N VAL A 145 -0.32 -4.96 -7.04
CA VAL A 145 -0.13 -6.32 -6.58
C VAL A 145 -1.29 -7.24 -6.92
N VAL A 146 -2.41 -6.70 -7.42
CA VAL A 146 -3.55 -7.55 -7.75
C VAL A 146 -3.32 -8.27 -9.08
N GLY A 147 -2.31 -7.86 -9.84
CA GLY A 147 -2.05 -8.46 -11.12
C GLY A 147 -1.91 -7.43 -12.22
N ASP A 148 -2.29 -7.79 -13.44
CA ASP A 148 -2.25 -6.85 -14.55
C ASP A 148 -3.63 -6.44 -15.06
N ARG A 149 -4.61 -7.35 -15.03
CA ARG A 149 -5.95 -7.02 -15.50
C ARG A 149 -6.53 -5.84 -14.71
N ALA A 150 -6.73 -6.02 -13.41
CA ALA A 150 -7.29 -4.96 -12.59
C ALA A 150 -6.34 -3.76 -12.54
N SER A 151 -5.04 -4.00 -12.66
CA SER A 151 -4.10 -2.88 -12.67
C SER A 151 -4.36 -1.94 -13.84
N ILE A 152 -4.45 -2.50 -15.05
CA ILE A 152 -4.69 -1.64 -16.21
C ILE A 152 -6.11 -1.10 -16.19
N GLU A 153 -7.06 -1.85 -15.61
CA GLU A 153 -8.42 -1.32 -15.51
C GLU A 153 -8.46 -0.07 -14.64
N LYS A 154 -7.82 -0.13 -13.47
CA LYS A 154 -7.78 1.06 -12.63
C LYS A 154 -6.92 2.16 -13.23
N ALA A 155 -5.89 1.82 -13.99
CA ALA A 155 -5.14 2.84 -14.70
C ALA A 155 -6.03 3.58 -15.69
N LEU A 156 -6.83 2.84 -16.45
CA LEU A 156 -7.76 3.47 -17.40
C LEU A 156 -8.78 4.33 -16.67
N ARG A 157 -9.31 3.83 -15.56
CA ARG A 157 -10.27 4.62 -14.78
C ARG A 157 -9.65 5.91 -14.26
N GLN A 158 -8.41 5.82 -13.76
CA GLN A 158 -7.73 7.01 -13.26
C GLN A 158 -7.45 8.01 -14.37
N VAL A 159 -7.04 7.51 -15.54
CA VAL A 159 -6.83 8.41 -16.67
C VAL A 159 -8.12 9.13 -17.03
N THR A 160 -9.23 8.38 -17.09
CA THR A 160 -10.51 9.00 -17.44
C THR A 160 -10.90 10.06 -16.41
N VAL A 161 -10.79 9.74 -15.12
CA VAL A 161 -11.23 10.69 -14.10
C VAL A 161 -10.32 11.91 -14.08
N HIS A 162 -9.02 11.72 -14.28
CA HIS A 162 -8.11 12.87 -14.29
C HIS A 162 -8.33 13.76 -15.50
N GLN A 163 -8.60 13.18 -16.67
CA GLN A 163 -8.97 14.00 -17.81
C GLN A 163 -10.28 14.75 -17.55
N GLU A 164 -11.23 14.09 -16.89
CA GLU A 164 -12.51 14.74 -16.61
C GLU A 164 -12.32 15.93 -15.66
N GLN A 165 -11.45 15.78 -14.66
CA GLN A 165 -11.16 16.91 -13.78
C GLN A 165 -10.39 18.01 -14.48
N GLY A 166 -9.85 17.76 -15.66
CA GLY A 166 -9.07 18.76 -16.36
C GLY A 166 -7.66 18.93 -15.83
N ILE A 167 -7.18 17.99 -15.03
CA ILE A 167 -5.82 18.09 -14.49
C ILE A 167 -4.80 17.83 -15.59
N VAL A 168 -4.90 16.69 -16.26
CA VAL A 168 -3.93 16.27 -17.25
C VAL A 168 -4.63 15.64 -18.45
N THR A 169 -4.04 15.82 -19.63
CA THR A 169 -4.50 15.19 -20.86
C THR A 169 -3.32 14.38 -21.41
N TYR A 170 -3.39 13.07 -21.23
CA TYR A 170 -2.27 12.20 -21.60
C TYR A 170 -2.22 12.01 -23.11
N PRO A 171 -1.05 11.63 -23.64
CA PRO A 171 -0.98 11.24 -25.05
C PRO A 171 -1.86 10.04 -25.32
N ASN A 172 -2.48 10.04 -26.51
CA ASN A 172 -3.39 8.96 -26.85
C ASN A 172 -2.66 7.63 -27.00
N HIS A 173 -1.43 7.66 -27.52
CA HIS A 173 -0.69 6.43 -27.73
C HIS A 173 -0.32 5.73 -26.43
N TRP A 174 -0.20 6.48 -25.34
CA TRP A 174 0.08 5.85 -24.05
C TRP A 174 -1.07 5.01 -23.55
N LEU A 175 -2.28 5.23 -24.07
CA LEU A 175 -3.45 4.47 -23.61
C LEU A 175 -3.59 3.13 -24.28
N THR A 176 -2.68 2.76 -25.19
CA THR A 176 -2.73 1.45 -25.81
C THR A 176 -2.35 0.36 -24.82
N THR A 177 -2.98 -0.80 -24.97
CA THR A 177 -2.80 -1.88 -24.00
C THR A 177 -1.34 -2.28 -23.87
N GLY A 178 -0.62 -2.32 -24.98
CA GLY A 178 0.80 -2.65 -24.93
C GLY A 178 1.59 -1.70 -24.07
N HIS A 179 1.24 -0.41 -24.12
CA HIS A 179 2.00 0.58 -23.36
C HIS A 179 1.78 0.41 -21.86
N MET A 180 0.53 0.23 -21.43
CA MET A 180 0.31 -0.02 -20.00
C MET A 180 0.92 -1.34 -19.58
N LYS A 181 0.94 -2.33 -20.47
CA LYS A 181 1.61 -3.59 -20.13
C LYS A 181 3.09 -3.35 -19.88
N VAL A 182 3.74 -2.57 -20.75
CA VAL A 182 5.16 -2.28 -20.59
C VAL A 182 5.40 -1.51 -19.29
N ILE A 183 4.55 -0.53 -19.00
CA ILE A 183 4.73 0.26 -17.79
C ILE A 183 4.50 -0.60 -16.55
N PHE A 184 3.53 -1.50 -16.60
CA PHE A 184 3.31 -2.41 -15.48
C PHE A 184 4.53 -3.29 -15.26
N GLY A 185 5.10 -3.82 -16.34
CA GLY A 185 6.28 -4.65 -16.19
C GLY A 185 7.46 -3.88 -15.62
N ILE A 186 7.70 -2.68 -16.15
CA ILE A 186 8.84 -1.89 -15.70
C ILE A 186 8.66 -1.45 -14.24
N LEU A 187 7.42 -1.17 -13.82
CA LEU A 187 7.20 -0.77 -12.44
C LEU A 187 7.30 -1.96 -11.49
N ARG A 188 6.76 -3.11 -11.90
CA ARG A 188 6.79 -4.28 -11.03
C ARG A 188 8.22 -4.79 -10.86
N SER A 189 9.03 -4.70 -11.91
CA SER A 189 10.40 -5.20 -11.83
C SER A 189 11.36 -4.24 -11.14
N SER A 190 10.98 -2.98 -10.95
CA SER A 190 11.87 -1.97 -10.41
C SER A 190 11.38 -1.53 -9.03
N PHE A 191 12.25 -1.63 -8.02
CA PHE A 191 11.91 -1.18 -6.68
C PHE A 191 12.10 0.32 -6.53
N ILE A 192 13.10 0.89 -7.21
CA ILE A 192 13.45 2.29 -6.98
C ILE A 192 12.32 3.20 -7.43
N LEU A 193 11.68 2.89 -8.55
CA LEU A 193 10.56 3.69 -9.03
C LEU A 193 9.45 3.73 -8.00
N LYS A 194 9.01 2.55 -7.54
CA LYS A 194 8.04 2.50 -6.46
C LYS A 194 8.47 3.39 -5.32
N PHE A 195 9.61 3.07 -4.70
CA PHE A 195 9.97 3.73 -3.45
C PHE A 195 10.04 5.23 -3.60
N VAL A 196 10.60 5.74 -4.71
CA VAL A 196 10.66 7.18 -4.87
C VAL A 196 9.26 7.75 -5.01
N LEU A 197 8.37 7.06 -5.71
CA LEU A 197 7.00 7.56 -5.87
C LEU A 197 6.28 7.62 -4.52
N ILE A 198 6.35 6.54 -3.75
CA ILE A 198 5.72 6.53 -2.43
C ILE A 198 6.34 7.58 -1.51
N HIS A 199 7.66 7.73 -1.52
CA HIS A 199 8.27 8.72 -0.64
C HIS A 199 7.83 10.13 -1.02
N GLN A 200 7.79 10.44 -2.32
CA GLN A 200 7.37 11.76 -2.74
C GLN A 200 5.91 12.02 -2.40
N GLY A 201 5.06 11.00 -2.59
CA GLY A 201 3.65 11.17 -2.23
C GLY A 201 3.45 11.36 -0.74
N VAL A 202 4.17 10.60 0.07
CA VAL A 202 3.96 10.65 1.52
C VAL A 202 4.51 11.93 2.10
N ASN A 203 5.76 12.27 1.77
CA ASN A 203 6.47 13.32 2.49
C ASN A 203 6.19 14.72 1.96
N LEU A 204 5.56 14.85 0.79
CA LEU A 204 5.15 16.16 0.32
C LEU A 204 4.09 16.75 1.24
N VAL A 205 4.27 18.01 1.61
CA VAL A 205 3.35 18.72 2.49
C VAL A 205 2.47 19.67 1.69
N THR A 206 3.08 20.64 1.01
CA THR A 206 2.35 21.59 0.17
C THR A 206 3.11 21.73 -1.14
N GLY A 207 2.70 22.71 -1.95
CA GLY A 207 3.41 23.00 -3.17
C GLY A 207 3.22 21.99 -4.27
N HIS A 208 2.15 21.19 -4.22
CA HIS A 208 1.88 20.24 -5.29
C HIS A 208 1.49 20.97 -6.56
N ASP A 209 2.13 20.63 -7.66
CA ASP A 209 1.60 20.97 -8.97
C ASP A 209 0.56 19.92 -9.34
N ALA A 210 0.13 19.90 -10.60
CA ALA A 210 -0.79 18.85 -11.03
C ALA A 210 -0.14 17.49 -10.93
N TYR A 211 1.14 17.40 -11.29
CA TYR A 211 1.81 16.11 -11.40
C TYR A 211 2.07 15.51 -10.03
N ASP A 212 2.61 16.32 -9.10
CA ASP A 212 2.79 15.87 -7.74
C ASP A 212 1.46 15.58 -7.07
N SER A 213 0.40 16.31 -7.46
CA SER A 213 -0.93 16.01 -6.94
C SER A 213 -1.38 14.62 -7.37
N ILE A 214 -1.14 14.27 -8.63
CA ILE A 214 -1.49 12.92 -9.09
C ILE A 214 -0.66 11.88 -8.33
N ILE A 215 0.63 12.16 -8.16
CA ILE A 215 1.49 11.23 -7.41
C ILE A 215 0.95 11.02 -6.01
N SER A 216 0.61 12.11 -5.32
CA SER A 216 0.12 12.00 -3.94
C SER A 216 -1.22 11.27 -3.89
N ASN A 217 -2.10 11.55 -4.84
CA ASN A 217 -3.39 10.85 -4.86
C ASN A 217 -3.20 9.36 -5.08
N SER A 218 -2.32 8.97 -6.01
CA SER A 218 -2.06 7.56 -6.25
C SER A 218 -1.44 6.90 -5.03
N VAL A 219 -0.52 7.59 -4.37
CA VAL A 219 0.10 7.03 -3.17
C VAL A 219 -0.94 6.83 -2.07
N GLY A 220 -1.82 7.82 -1.89
CA GLY A 220 -2.86 7.69 -0.90
C GLY A 220 -3.81 6.55 -1.19
N GLN A 221 -4.16 6.38 -2.46
CA GLN A 221 -4.98 5.23 -2.86
C GLN A 221 -4.23 3.92 -2.72
N THR A 222 -2.90 3.96 -2.70
CA THR A 222 -2.07 2.77 -2.62
C THR A 222 -1.88 2.30 -1.18
N ARG A 223 -2.31 3.08 -0.21
CA ARG A 223 -2.16 2.69 1.20
C ARG A 223 -2.80 1.34 1.45
N PHE A 224 -2.03 0.45 2.09
CA PHE A 224 -2.49 -0.90 2.43
C PHE A 224 -2.97 -1.66 1.20
N SER A 225 -2.29 -1.46 0.07
CA SER A 225 -2.58 -2.24 -1.12
C SER A 225 -2.06 -3.66 -0.94
N GLY A 226 -2.94 -4.64 -1.12
CA GLY A 226 -2.56 -6.02 -0.88
C GLY A 226 -2.52 -6.42 0.58
N LEU A 227 -2.86 -5.52 1.49
CA LEU A 227 -2.89 -5.78 2.92
C LEU A 227 -4.30 -5.58 3.49
N LEU A 228 -5.31 -6.01 2.74
CA LEU A 228 -6.68 -5.88 3.22
C LEU A 228 -6.90 -6.67 4.51
N ILE A 229 -6.14 -7.74 4.71
CA ILE A 229 -6.25 -8.51 5.96
C ILE A 229 -5.91 -7.63 7.15
N VAL A 230 -4.89 -6.77 7.01
CA VAL A 230 -4.50 -5.90 8.11
C VAL A 230 -5.63 -4.96 8.49
N LYS A 231 -6.20 -4.27 7.49
CA LYS A 231 -7.29 -3.34 7.75
C LYS A 231 -8.49 -4.06 8.36
N THR A 232 -8.86 -5.22 7.79
CA THR A 232 -10.03 -5.92 8.28
C THR A 232 -9.85 -6.35 9.72
N VAL A 233 -8.70 -6.95 10.04
CA VAL A 233 -8.48 -7.43 11.41
C VAL A 233 -8.42 -6.25 12.38
N LEU A 234 -7.74 -5.17 12.02
CA LEU A 234 -7.57 -4.07 12.96
C LEU A 234 -8.82 -3.24 13.14
N GLU A 235 -9.70 -3.17 12.14
CA GLU A 235 -10.87 -2.33 12.24
C GLU A 235 -12.15 -3.12 12.49
N PHE A 236 -12.09 -4.44 12.52
CA PHE A 236 -13.30 -5.24 12.69
C PHE A 236 -13.18 -6.35 13.72
N ILE A 237 -12.00 -6.58 14.30
CA ILE A 237 -11.79 -7.63 15.29
C ILE A 237 -11.21 -7.07 16.59
N LEU A 238 -10.09 -6.35 16.48
CA LEU A 238 -9.48 -5.70 17.64
C LEU A 238 -9.96 -4.26 17.70
N GLN A 239 -10.59 -3.89 18.80
CA GLN A 239 -11.09 -2.54 19.00
C GLN A 239 -10.56 -1.99 20.32
N LYS A 240 -10.20 -0.71 20.34
CA LYS A 240 -9.83 -0.03 21.58
C LYS A 240 -11.06 0.60 22.21
N THR A 241 -11.38 0.17 23.43
CA THR A 241 -12.34 0.84 24.27
C THR A 241 -11.59 1.66 25.32
N ASP A 242 -12.33 2.22 26.27
CA ASP A 242 -11.69 2.91 27.39
C ASP A 242 -10.89 1.95 28.26
N SER A 243 -11.15 0.65 28.16
CA SER A 243 -10.40 -0.37 28.89
C SER A 243 -9.36 -1.05 28.02
N GLY A 244 -8.82 -0.37 27.03
CA GLY A 244 -7.83 -0.96 26.16
C GLY A 244 -8.44 -1.70 24.98
N VAL A 245 -7.62 -2.54 24.37
CA VAL A 245 -8.04 -3.30 23.20
C VAL A 245 -8.94 -4.45 23.61
N THR A 246 -10.03 -4.64 22.87
CA THR A 246 -10.98 -5.71 23.11
C THR A 246 -10.99 -6.68 21.93
N LEU A 247 -11.48 -7.88 22.19
CA LEU A 247 -11.56 -8.93 21.19
C LEU A 247 -12.99 -9.04 20.68
N HIS A 248 -13.14 -9.31 19.39
CA HIS A 248 -14.46 -9.49 18.82
C HIS A 248 -15.14 -10.70 19.44
N PRO A 249 -16.43 -10.62 19.76
CA PRO A 249 -17.11 -11.78 20.37
C PRO A 249 -17.08 -13.03 19.49
N LEU A 250 -17.07 -12.86 18.17
CA LEU A 250 -17.12 -14.00 17.27
C LEU A 250 -15.79 -14.75 17.20
N VAL A 251 -14.70 -14.17 17.69
CA VAL A 251 -13.38 -14.76 17.54
C VAL A 251 -12.77 -15.16 18.88
N ARG A 252 -13.59 -15.34 19.91
CA ARG A 252 -13.06 -15.77 21.20
C ARG A 252 -12.63 -17.23 21.22
N THR A 253 -12.93 -18.00 20.18
CA THR A 253 -12.52 -19.40 20.15
C THR A 253 -11.01 -19.52 20.02
N SER A 254 -10.46 -20.57 20.62
CA SER A 254 -9.02 -20.83 20.52
C SER A 254 -8.58 -21.06 19.09
N LYS A 255 -9.42 -21.73 18.29
CA LYS A 255 -9.21 -21.90 16.86
C LYS A 255 -8.60 -20.66 16.24
N VAL A 256 -9.25 -19.52 16.44
CA VAL A 256 -8.75 -18.25 15.93
C VAL A 256 -8.05 -17.42 16.99
N LYS A 257 -8.11 -17.81 18.26
CA LYS A 257 -7.34 -17.08 19.27
C LYS A 257 -5.84 -17.23 19.05
N ASN A 258 -5.38 -18.47 18.82
CA ASN A 258 -3.98 -18.67 18.49
C ASN A 258 -3.62 -17.96 17.18
N GLU A 259 -4.56 -17.94 16.25
CA GLU A 259 -4.35 -17.29 14.97
C GLU A 259 -4.20 -15.78 15.13
N VAL A 260 -4.99 -15.17 16.01
CA VAL A 260 -4.84 -13.75 16.31
C VAL A 260 -3.53 -13.48 17.02
N ALA A 261 -3.10 -14.39 17.89
CA ALA A 261 -1.78 -14.23 18.50
C ALA A 261 -0.68 -14.21 17.45
N SER A 262 -0.76 -15.12 16.48
CA SER A 262 0.22 -15.13 15.40
C SER A 262 0.13 -13.88 14.56
N PHE A 263 -1.09 -13.39 14.30
CA PHE A 263 -1.27 -12.17 13.54
C PHE A 263 -0.68 -10.97 14.28
N LYS A 264 -0.85 -10.92 15.60
CA LYS A 264 -0.25 -9.87 16.41
C LYS A 264 1.27 -9.92 16.31
N GLN A 265 1.83 -11.13 16.35
CA GLN A 265 3.27 -11.27 16.16
C GLN A 265 3.72 -10.72 14.82
N ALA A 266 3.01 -11.09 13.75
CA ALA A 266 3.39 -10.63 12.42
C ALA A 266 3.24 -9.12 12.29
N LEU A 267 2.19 -8.57 12.89
CA LEU A 267 1.97 -7.14 12.84
C LEU A 267 3.08 -6.39 13.58
N SER A 268 3.49 -6.90 14.75
CA SER A 268 4.59 -6.28 15.48
C SER A 268 5.88 -6.37 14.68
N ASN A 269 6.09 -7.48 13.98
CA ASN A 269 7.26 -7.59 13.11
C ASN A 269 7.22 -6.55 12.00
N LEU A 270 6.04 -6.34 11.41
CA LEU A 270 5.89 -5.32 10.37
C LEU A 270 6.01 -3.91 10.93
N ALA A 271 5.83 -3.74 12.24
CA ALA A 271 5.84 -2.41 12.83
C ALA A 271 7.18 -1.72 12.65
N ARG A 272 8.28 -2.46 12.77
CA ARG A 272 9.62 -1.87 12.76
C ARG A 272 9.95 -1.20 11.42
N HIS A 273 9.20 -1.47 10.36
CA HIS A 273 9.47 -0.82 9.09
C HIS A 273 9.20 0.68 9.16
N GLY A 274 8.14 1.07 9.85
CA GLY A 274 7.88 2.48 10.06
C GLY A 274 6.77 3.06 9.20
N GLU A 275 7.01 4.25 8.66
CA GLU A 275 5.97 4.96 7.91
C GLU A 275 5.61 4.27 6.61
N TYR A 276 6.46 3.38 6.11
CA TYR A 276 6.20 2.69 4.86
C TYR A 276 5.52 1.34 5.08
N ALA A 277 5.08 1.05 6.30
CA ALA A 277 4.37 -0.18 6.57
C ALA A 277 3.14 -0.37 5.68
N PRO A 278 2.29 0.64 5.43
CA PRO A 278 1.14 0.40 4.54
C PRO A 278 1.52 -0.06 3.15
N PHE A 279 2.71 0.31 2.67
CA PHE A 279 3.17 -0.09 1.34
C PHE A 279 4.05 -1.32 1.38
N ALA A 280 3.94 -2.14 2.43
CA ALA A 280 4.82 -3.28 2.58
C ALA A 280 4.64 -4.29 1.45
N ARG A 281 3.39 -4.57 1.07
CA ARG A 281 3.16 -5.49 -0.04
C ARG A 281 3.61 -4.89 -1.37
N VAL A 282 3.46 -3.59 -1.53
CA VAL A 282 3.87 -2.94 -2.78
C VAL A 282 5.39 -3.03 -2.95
N LEU A 283 6.13 -2.75 -1.89
CA LEU A 283 7.59 -2.72 -1.95
C LEU A 283 8.24 -4.02 -1.50
N ASN A 284 7.47 -5.00 -1.05
CA ASN A 284 7.99 -6.29 -0.59
C ASN A 284 9.00 -6.12 0.54
N LEU A 285 8.54 -5.54 1.64
CA LEU A 285 9.40 -5.33 2.78
C LEU A 285 9.55 -6.63 3.57
N SER A 286 10.40 -6.59 4.59
CA SER A 286 10.61 -7.74 5.44
C SER A 286 9.36 -8.01 6.28
N GLY A 287 9.05 -9.28 6.47
CA GLY A 287 7.88 -9.68 7.22
C GLY A 287 6.58 -9.63 6.47
N ILE A 288 6.62 -9.25 5.18
CA ILE A 288 5.38 -9.18 4.41
C ILE A 288 4.80 -10.56 4.17
N ASN A 289 5.65 -11.58 4.03
CA ASN A 289 5.16 -12.94 3.83
C ASN A 289 4.55 -13.52 5.10
N ASN A 290 4.76 -12.89 6.25
CA ASN A 290 4.14 -13.33 7.49
C ASN A 290 2.72 -12.79 7.66
N LEU A 291 2.28 -11.88 6.80
CA LEU A 291 0.90 -11.42 6.77
C LEU A 291 0.09 -12.12 5.68
N GLU A 292 0.45 -13.36 5.37
CA GLU A 292 -0.16 -14.08 4.28
C GLU A 292 -1.57 -14.55 4.66
N HIS A 293 -2.45 -14.61 3.65
CA HIS A 293 -3.78 -15.16 3.88
C HIS A 293 -3.70 -16.65 4.21
N GLY A 294 -2.80 -17.38 3.55
CA GLY A 294 -2.67 -18.80 3.80
C GLY A 294 -2.30 -19.13 5.23
N LEU A 295 -1.44 -18.31 5.84
CA LEU A 295 -1.03 -18.56 7.22
C LEU A 295 -2.12 -18.22 8.22
N TYR A 296 -3.15 -17.46 7.81
CA TYR A 296 -4.30 -17.16 8.65
C TYR A 296 -5.59 -17.42 7.88
N PRO A 297 -5.90 -18.68 7.57
CA PRO A 297 -7.10 -18.95 6.77
C PRO A 297 -8.39 -18.56 7.48
N GLN A 298 -8.60 -19.11 8.67
CA GLN A 298 -9.83 -18.84 9.40
C GLN A 298 -9.92 -17.37 9.78
N LEU A 299 -8.82 -16.79 10.25
CA LEU A 299 -8.84 -15.38 10.65
C LEU A 299 -9.13 -14.48 9.47
N SER A 300 -8.49 -14.74 8.32
CA SER A 300 -8.74 -13.93 7.13
C SER A 300 -10.19 -14.03 6.70
N ALA A 301 -10.73 -15.25 6.65
CA ALA A 301 -12.11 -15.42 6.22
C ALA A 301 -13.08 -14.73 7.17
N ILE A 302 -12.87 -14.88 8.48
CA ILE A 302 -13.76 -14.27 9.46
C ILE A 302 -13.69 -12.75 9.39
N ALA A 303 -12.47 -12.20 9.33
CA ALA A 303 -12.31 -10.75 9.28
C ALA A 303 -12.94 -10.19 8.03
N LEU A 304 -12.75 -10.85 6.89
CA LEU A 304 -13.35 -10.37 5.65
C LEU A 304 -14.85 -10.46 5.68
N GLY A 305 -15.40 -11.52 6.29
CA GLY A 305 -16.85 -11.60 6.41
C GLY A 305 -17.41 -10.51 7.29
N VAL A 306 -16.77 -10.23 8.42
CA VAL A 306 -17.23 -9.15 9.29
C VAL A 306 -17.15 -7.81 8.57
N ALA A 307 -16.05 -7.58 7.86
CA ALA A 307 -15.88 -6.33 7.12
C ALA A 307 -16.95 -6.19 6.04
N THR A 308 -17.26 -7.28 5.33
CA THR A 308 -18.33 -7.24 4.34
C THR A 308 -19.66 -6.93 5.00
N ALA A 309 -19.89 -7.47 6.20
CA ALA A 309 -21.11 -7.15 6.93
C ALA A 309 -21.17 -5.67 7.25
N HIS A 310 -20.04 -5.07 7.61
CA HIS A 310 -20.02 -3.63 7.86
C HIS A 310 -19.97 -2.84 6.56
N GLY A 311 -18.91 -3.02 5.78
CA GLY A 311 -18.77 -2.29 4.54
C GLY A 311 -19.43 -2.96 3.36
N SER A 312 -20.36 -2.25 2.72
CA SER A 312 -21.09 -2.84 1.59
C SER A 312 -20.17 -3.14 0.42
N THR A 313 -19.27 -2.21 0.10
CA THR A 313 -18.42 -2.37 -1.08
C THR A 313 -17.41 -3.48 -0.94
N LEU A 314 -17.16 -3.95 0.28
CA LEU A 314 -16.18 -5.01 0.50
C LEU A 314 -16.66 -6.36 0.00
N ALA A 315 -17.93 -6.49 -0.37
CA ALA A 315 -18.42 -7.76 -0.90
C ALA A 315 -17.89 -8.06 -2.29
N GLY A 316 -17.25 -7.09 -2.94
CA GLY A 316 -16.72 -7.29 -4.26
C GLY A 316 -15.38 -7.97 -4.32
N VAL A 317 -14.76 -8.28 -3.18
CA VAL A 317 -13.45 -8.92 -3.18
C VAL A 317 -13.59 -10.37 -3.63
N ASN A 318 -12.74 -10.77 -4.57
CA ASN A 318 -12.67 -12.16 -5.00
C ASN A 318 -11.75 -12.91 -4.04
N VAL A 319 -12.18 -14.10 -3.61
CA VAL A 319 -11.43 -14.88 -2.63
C VAL A 319 -11.37 -16.32 -3.10
N GLY A 320 -10.39 -17.06 -2.61
CA GLY A 320 -10.27 -18.45 -2.96
C GLY A 320 -11.48 -19.27 -2.54
N GLU A 321 -11.72 -20.35 -3.29
CA GLU A 321 -12.92 -21.14 -3.11
C GLU A 321 -12.97 -21.83 -1.74
N GLN A 322 -11.84 -21.95 -1.05
CA GLN A 322 -11.84 -22.58 0.26
C GLN A 322 -12.21 -21.61 1.36
N TYR A 323 -12.49 -20.36 1.03
CA TYR A 323 -12.82 -19.34 2.02
C TYR A 323 -14.25 -18.83 1.91
N GLN A 324 -14.95 -19.13 0.82
CA GLN A 324 -16.21 -18.46 0.52
C GLN A 324 -17.28 -18.81 1.54
N GLN A 325 -17.40 -20.09 1.88
CA GLN A 325 -18.43 -20.50 2.83
C GLN A 325 -18.21 -19.87 4.19
N LEU A 326 -16.98 -19.88 4.68
CA LEU A 326 -16.70 -19.28 5.98
C LEU A 326 -16.93 -17.77 5.94
N ARG A 327 -16.55 -17.12 4.84
CA ARG A 327 -16.76 -15.68 4.74
C ARG A 327 -18.24 -15.34 4.74
N GLU A 328 -19.06 -16.12 4.04
CA GLU A 328 -20.50 -15.87 4.04
C GLU A 328 -21.10 -16.12 5.42
N ALA A 329 -20.64 -17.18 6.10
CA ALA A 329 -21.14 -17.45 7.45
C ALA A 329 -20.82 -16.29 8.39
N ALA A 330 -19.58 -15.80 8.32
CA ALA A 330 -19.20 -14.65 9.15
C ALA A 330 -20.00 -13.43 8.78
N HIS A 331 -20.26 -13.23 7.48
CA HIS A 331 -21.11 -12.13 7.02
C HIS A 331 -22.47 -12.17 7.70
N ASP A 332 -23.15 -13.31 7.62
CA ASP A 332 -24.49 -13.41 8.18
C ASP A 332 -24.46 -13.25 9.70
N ALA A 333 -23.51 -13.90 10.36
CA ALA A 333 -23.42 -13.80 11.81
C ALA A 333 -23.20 -12.36 12.24
N GLU A 334 -22.26 -11.67 11.59
CA GLU A 334 -21.97 -10.28 11.97
C GLU A 334 -23.16 -9.38 11.69
N VAL A 335 -23.90 -9.64 10.62
CA VAL A 335 -25.11 -8.86 10.37
C VAL A 335 -26.08 -9.01 11.54
N LYS A 336 -26.27 -10.26 11.99
CA LYS A 336 -27.19 -10.48 13.11
C LYS A 336 -26.70 -9.80 14.39
N LEU A 337 -25.40 -9.93 14.71
CA LEU A 337 -24.87 -9.28 15.90
C LEU A 337 -24.97 -7.76 15.81
N GLN A 338 -24.83 -7.21 14.61
CA GLN A 338 -24.94 -5.76 14.49
C GLN A 338 -26.37 -5.28 14.67
N ARG A 339 -27.34 -6.01 14.11
CA ARG A 339 -28.72 -5.65 14.41
C ARG A 339 -28.99 -5.75 15.90
N ARG A 340 -28.45 -6.77 16.55
CA ARG A 340 -28.55 -6.93 17.99
C ARG A 340 -27.98 -5.72 18.72
N HIS A 341 -26.80 -5.26 18.30
CA HIS A 341 -26.11 -4.18 18.98
C HIS A 341 -26.82 -2.85 18.76
N GLU A 342 -27.35 -2.61 17.56
CA GLU A 342 -28.14 -1.40 17.36
C GLU A 342 -29.39 -1.39 18.21
N HIS A 343 -30.05 -2.55 18.34
CA HIS A 343 -31.19 -2.63 19.24
C HIS A 343 -30.78 -2.28 20.66
N GLN A 344 -29.66 -2.84 21.12
CA GLN A 344 -29.18 -2.53 22.47
C GLN A 344 -28.89 -1.05 22.64
N GLU A 345 -28.20 -0.44 21.68
CA GLU A 345 -27.84 0.97 21.80
C GLU A 345 -29.08 1.84 21.82
N ILE A 346 -30.04 1.55 20.94
CA ILE A 346 -31.26 2.36 20.88
C ILE A 346 -32.03 2.26 22.20
N GLN A 347 -32.13 1.06 22.75
CA GLN A 347 -32.88 0.93 24.01
C GLN A 347 -32.11 1.51 25.18
N ALA A 348 -30.78 1.61 25.08
CA ALA A 348 -29.99 2.03 26.23
C ALA A 348 -29.77 3.54 26.28
N ILE A 349 -29.36 4.16 25.18
CA ILE A 349 -28.87 5.53 25.23
C ILE A 349 -29.97 6.60 25.12
N ALA A 350 -31.14 6.24 24.61
CA ALA A 350 -32.18 7.24 24.36
C ALA A 350 -33.06 7.42 25.59
N GLU A 351 -34.09 8.27 25.45
CA GLU A 351 -34.86 8.70 26.61
C GLU A 351 -36.34 8.33 26.54
N ASP A 352 -37.00 8.59 25.41
CA ASP A 352 -38.42 8.30 25.28
C ASP A 352 -38.70 7.55 23.98
N ASP A 353 -39.98 7.26 23.75
CA ASP A 353 -40.35 6.33 22.68
C ASP A 353 -40.23 6.95 21.29
N GLU A 354 -40.44 8.26 21.16
CA GLU A 354 -40.48 8.86 19.84
C GLU A 354 -39.14 8.71 19.12
N GLU A 355 -38.05 9.04 19.80
CA GLU A 355 -36.75 8.83 19.19
C GLU A 355 -36.43 7.36 19.02
N ARG A 356 -36.93 6.48 19.90
CA ARG A 356 -36.80 5.05 19.63
C ARG A 356 -37.36 4.72 18.25
N LYS A 357 -38.61 5.11 17.99
CA LYS A 357 -39.25 4.71 16.74
C LYS A 357 -38.55 5.33 15.54
N ILE A 358 -38.22 6.62 15.60
CA ILE A 358 -37.60 7.23 14.42
C ILE A 358 -36.20 6.66 14.19
N LEU A 359 -35.43 6.45 15.25
CA LEU A 359 -34.09 5.88 15.11
C LEU A 359 -34.14 4.47 14.56
N GLU A 360 -35.08 3.64 15.05
CA GLU A 360 -35.17 2.28 14.55
C GLU A 360 -35.67 2.24 13.10
N GLN A 361 -36.57 3.16 12.73
CA GLN A 361 -36.97 3.22 11.33
C GLN A 361 -35.80 3.59 10.45
N PHE A 362 -34.99 4.57 10.89
CA PHE A 362 -33.81 4.94 10.12
C PHE A 362 -32.82 3.78 10.03
N HIS A 363 -32.62 3.06 11.14
CA HIS A 363 -31.70 1.92 11.13
C HIS A 363 -32.19 0.84 10.18
N LEU A 364 -33.50 0.57 10.19
CA LEU A 364 -34.05 -0.42 9.28
C LEU A 364 -33.84 0.00 7.82
N GLN A 365 -34.09 1.27 7.53
CA GLN A 365 -33.86 1.74 6.16
C GLN A 365 -32.40 1.63 5.77
N LYS A 366 -31.50 2.00 6.67
CA LYS A 366 -30.07 1.92 6.37
C LYS A 366 -29.63 0.48 6.13
N THR A 367 -30.10 -0.44 6.97
CA THR A 367 -29.75 -1.84 6.79
C THR A 367 -30.31 -2.38 5.48
N GLU A 368 -31.52 -1.98 5.12
CA GLU A 368 -32.08 -2.41 3.84
C GLU A 368 -31.24 -1.88 2.68
N ILE A 369 -30.81 -0.63 2.75
CA ILE A 369 -29.99 -0.05 1.69
C ILE A 369 -28.66 -0.80 1.58
N THR A 370 -28.03 -1.09 2.72
CA THR A 370 -26.78 -1.84 2.70
C THR A 370 -26.98 -3.24 2.14
N HIS A 371 -28.09 -3.88 2.49
CA HIS A 371 -28.41 -5.21 1.96
C HIS A 371 -28.54 -5.18 0.45
N SER A 372 -29.28 -4.20 -0.07
CA SER A 372 -29.46 -4.09 -1.52
C SER A 372 -28.13 -3.83 -2.21
N GLN A 373 -27.31 -2.92 -1.66
CA GLN A 373 -26.03 -2.61 -2.28
C GLN A 373 -25.10 -3.82 -2.25
N THR A 374 -25.08 -4.54 -1.14
CA THR A 374 -24.23 -5.72 -1.03
C THR A 374 -24.65 -6.79 -2.02
N LEU A 375 -25.96 -7.01 -2.18
CA LEU A 375 -26.41 -7.98 -3.17
C LEU A 375 -26.06 -7.54 -4.59
N ALA A 376 -26.19 -6.24 -4.88
CA ALA A 376 -25.83 -5.75 -6.21
C ALA A 376 -24.34 -5.97 -6.49
N VAL A 377 -23.48 -5.63 -5.53
CA VAL A 377 -22.05 -5.78 -5.76
C VAL A 377 -21.66 -7.25 -5.80
N LEU A 378 -22.36 -8.11 -5.06
CA LEU A 378 -22.12 -9.54 -5.14
C LEU A 378 -22.49 -10.09 -6.51
N SER A 379 -23.62 -9.63 -7.06
CA SER A 379 -23.98 -10.03 -8.42
C SER A 379 -22.95 -9.52 -9.43
N GLN A 380 -22.44 -8.31 -9.21
CA GLN A 380 -21.39 -7.78 -10.10
C GLN A 380 -20.13 -8.63 -10.03
N LYS A 381 -19.75 -9.06 -8.82
CA LYS A 381 -18.59 -9.94 -8.68
C LYS A 381 -18.83 -11.28 -9.36
N ARG A 382 -20.03 -11.82 -9.22
CA ARG A 382 -20.38 -13.04 -9.94
C ARG A 382 -20.24 -12.87 -11.44
N GLU A 383 -20.72 -11.74 -11.97
CA GLU A 383 -20.63 -11.50 -13.40
C GLU A 383 -19.18 -11.35 -13.85
N LYS A 384 -18.36 -10.67 -13.03
CA LYS A 384 -16.94 -10.53 -13.35
C LYS A 384 -16.25 -11.89 -13.38
N LEU A 385 -16.54 -12.74 -12.40
CA LEU A 385 -15.98 -14.09 -12.41
C LEU A 385 -16.47 -14.87 -13.62
N ALA A 386 -17.73 -14.67 -14.01
CA ALA A 386 -18.25 -15.37 -15.19
C ALA A 386 -17.51 -14.96 -16.45
N ARG A 387 -17.30 -13.65 -16.64
CA ARG A 387 -16.59 -13.23 -17.85
C ARG A 387 -15.13 -13.68 -17.83
N LEU A 388 -14.51 -13.66 -16.64
CA LEU A 388 -13.13 -14.14 -16.54
C LEU A 388 -13.04 -15.63 -16.88
N ALA A 389 -13.98 -16.43 -16.38
CA ALA A 389 -13.98 -17.85 -16.71
C ALA A 389 -14.25 -18.08 -18.20
N ALA A 390 -15.15 -17.29 -18.79
CA ALA A 390 -15.45 -17.46 -20.20
C ALA A 390 -14.25 -17.15 -21.08
N GLU A 391 -13.31 -16.33 -20.60
CA GLU A 391 -12.13 -15.99 -21.36
C GLU A 391 -11.19 -17.19 -21.49
N GLY B 1 1.93 -3.52 26.55
CA GLY B 1 0.90 -3.51 25.53
C GLY B 1 1.10 -2.44 24.49
N MET B 2 1.93 -2.74 23.49
CA MET B 2 2.20 -1.78 22.43
C MET B 2 0.95 -1.54 21.60
N ASP B 3 0.86 -0.32 21.05
CA ASP B 3 -0.32 0.09 20.30
C ASP B 3 -0.21 -0.44 18.87
N LEU B 4 -1.09 -1.38 18.52
CA LEU B 4 -1.06 -1.97 17.19
C LEU B 4 -1.71 -1.07 16.15
N HIS B 5 -2.78 -0.35 16.51
CA HIS B 5 -3.52 0.44 15.54
C HIS B 5 -2.75 1.64 15.04
N SER B 6 -1.62 1.98 15.68
CA SER B 6 -0.77 3.03 15.14
C SER B 6 -0.20 2.67 13.78
N LEU B 7 -0.15 1.38 13.44
CA LEU B 7 0.29 0.98 12.11
C LEU B 7 -0.74 1.32 11.05
N LEU B 8 -1.96 1.62 11.45
CA LEU B 8 -2.99 2.10 10.55
C LEU B 8 -2.87 3.60 10.28
N GLU B 9 -1.97 4.29 11.00
CA GLU B 9 -1.91 5.75 10.96
C GLU B 9 -0.52 6.32 10.70
N LEU B 10 0.55 5.54 10.90
CA LEU B 10 1.89 6.10 10.80
C LEU B 10 2.22 6.61 9.41
N GLY B 11 1.46 6.18 8.40
CA GLY B 11 1.73 6.64 7.05
C GLY B 11 1.29 8.07 6.77
N THR B 12 0.58 8.70 7.69
CA THR B 12 0.01 10.03 7.48
C THR B 12 0.60 11.10 8.39
N LYS B 13 1.77 10.86 9.00
CA LYS B 13 2.43 11.83 9.86
C LYS B 13 3.86 12.01 9.38
N PRO B 14 4.08 12.85 8.36
CA PRO B 14 5.41 13.01 7.78
C PRO B 14 6.44 13.69 8.68
N THR B 15 6.03 14.19 9.86
CA THR B 15 6.92 14.91 10.77
C THR B 15 7.59 16.10 10.10
N ALA B 16 6.86 16.79 9.21
CA ALA B 16 7.28 18.02 8.55
C ALA B 16 8.65 17.89 7.89
N PRO B 17 8.77 17.14 6.80
CA PRO B 17 10.03 17.06 6.07
C PRO B 17 10.08 18.08 4.95
N HIS B 18 11.25 18.15 4.30
CA HIS B 18 11.49 19.07 3.20
C HIS B 18 11.90 18.27 1.97
N VAL B 19 11.11 18.37 0.90
CA VAL B 19 11.36 17.61 -0.32
C VAL B 19 11.44 18.55 -1.52
N ARG B 20 10.55 19.53 -1.57
CA ARG B 20 10.47 20.44 -2.72
C ARG B 20 11.76 21.19 -2.96
N ASN B 21 12.13 21.31 -4.23
CA ASN B 21 13.20 22.21 -4.67
C ASN B 21 12.83 22.66 -6.08
N LYS B 22 12.14 23.79 -6.17
CA LYS B 22 11.73 24.35 -7.45
C LYS B 22 12.51 25.62 -7.74
N LYS B 23 13.03 25.73 -8.96
CA LYS B 23 13.79 26.90 -9.39
C LYS B 23 12.83 27.92 -9.98
N VAL B 24 12.22 28.69 -9.10
CA VAL B 24 11.35 29.79 -9.54
C VAL B 24 12.22 31.02 -9.74
N ILE B 25 12.20 31.56 -10.95
CA ILE B 25 13.10 32.64 -11.34
C ILE B 25 12.35 33.96 -11.33
N LEU B 26 12.95 34.97 -10.72
CA LEU B 26 12.38 36.31 -10.63
C LEU B 26 13.05 37.22 -11.65
N PHE B 27 12.29 38.15 -12.19
CA PHE B 27 12.74 39.04 -13.25
C PHE B 27 12.74 40.48 -12.73
N ASP B 28 13.85 41.18 -12.91
CA ASP B 28 13.96 42.60 -12.59
C ASP B 28 14.05 43.34 -13.92
N THR B 29 12.93 43.90 -14.35
CA THR B 29 12.85 44.58 -15.64
C THR B 29 12.35 45.99 -15.45
N ASN B 30 13.04 46.94 -16.08
CA ASN B 30 12.57 48.33 -16.05
C ASN B 30 11.23 48.48 -16.76
N HIS B 31 11.03 47.76 -17.85
CA HIS B 31 9.74 47.74 -18.57
C HIS B 31 8.79 46.75 -17.91
N GLN B 32 8.60 46.92 -16.60
CA GLN B 32 7.80 45.98 -15.82
C GLN B 32 6.35 45.94 -16.31
N VAL B 33 5.74 47.11 -16.47
CA VAL B 33 4.37 47.16 -16.97
C VAL B 33 4.31 46.64 -18.41
N SER B 34 5.34 46.94 -19.20
CA SER B 34 5.34 46.47 -20.59
C SER B 34 5.41 44.95 -20.67
N ILE B 35 6.32 44.33 -19.89
CA ILE B 35 6.42 42.88 -19.93
C ILE B 35 5.17 42.24 -19.33
N CYS B 36 4.56 42.88 -18.33
CA CYS B 36 3.32 42.35 -17.78
C CYS B 36 2.19 42.39 -18.80
N ASN B 37 2.09 43.48 -19.57
CA ASN B 37 1.10 43.54 -20.62
C ASN B 37 1.39 42.52 -21.70
N GLN B 38 2.66 42.28 -21.99
CA GLN B 38 3.01 41.22 -22.95
C GLN B 38 2.59 39.86 -22.44
N ILE B 39 2.76 39.60 -21.14
CA ILE B 39 2.33 38.34 -20.55
C ILE B 39 0.81 38.19 -20.67
N ILE B 40 0.08 39.28 -20.39
CA ILE B 40 -1.37 39.23 -20.48
C ILE B 40 -1.81 38.96 -21.92
N ASP B 41 -1.16 39.61 -22.88
CA ASP B 41 -1.47 39.37 -24.28
C ASP B 41 -1.17 37.94 -24.68
N ALA B 42 -0.08 37.38 -24.15
CA ALA B 42 0.23 35.98 -24.43
C ALA B 42 -0.83 35.06 -23.86
N ILE B 43 -1.29 35.33 -22.63
CA ILE B 43 -2.26 34.45 -21.99
C ILE B 43 -3.60 34.52 -22.70
N ASN B 44 -4.04 35.72 -23.08
CA ASN B 44 -5.35 35.84 -23.71
C ASN B 44 -5.39 35.13 -25.06
N SER B 45 -4.23 34.89 -25.66
CA SER B 45 -4.12 34.14 -26.90
C SER B 45 -4.02 32.64 -26.66
N GLY B 46 -4.19 32.19 -25.43
CA GLY B 46 -4.12 30.76 -25.12
C GLY B 46 -2.74 30.16 -25.29
N ILE B 47 -1.70 30.84 -24.81
CA ILE B 47 -0.34 30.36 -24.92
C ILE B 47 0.08 29.75 -23.58
N ASP B 48 0.52 28.50 -23.61
CA ASP B 48 0.93 27.79 -22.40
C ASP B 48 2.42 28.04 -22.18
N LEU B 49 2.76 28.75 -21.10
CA LEU B 49 4.15 29.07 -20.83
C LEU B 49 4.91 27.89 -20.23
N GLY B 50 4.21 26.90 -19.69
CA GLY B 50 4.86 25.73 -19.11
C GLY B 50 5.80 26.06 -17.97
N ASP B 51 7.11 25.93 -18.22
CA ASP B 51 8.10 26.24 -17.19
C ASP B 51 8.09 27.73 -16.84
N LEU B 52 7.99 28.59 -17.86
CA LEU B 52 7.98 30.03 -17.65
C LEU B 52 6.71 30.51 -16.97
N LEU B 53 5.72 29.64 -16.84
CA LEU B 53 4.42 30.05 -16.31
C LEU B 53 4.53 30.58 -14.89
N GLU B 54 5.26 29.86 -14.04
CA GLU B 54 5.41 30.29 -12.65
C GLU B 54 6.09 31.65 -12.57
N GLY B 55 7.15 31.85 -13.34
CA GLY B 55 7.84 33.13 -13.33
C GLY B 55 6.97 34.27 -13.84
N GLY B 56 6.23 34.03 -14.92
CA GLY B 56 5.38 35.08 -15.46
C GLY B 56 4.26 35.47 -14.50
N LEU B 57 3.61 34.47 -13.90
CA LEU B 57 2.55 34.78 -12.96
C LEU B 57 3.08 35.42 -11.70
N LEU B 58 4.27 35.02 -11.24
CA LEU B 58 4.88 35.71 -10.10
C LEU B 58 5.24 37.15 -10.47
N THR B 59 5.65 37.39 -11.71
CA THR B 59 5.90 38.76 -12.15
C THR B 59 4.62 39.59 -12.09
N LEU B 60 3.50 39.04 -12.57
CA LEU B 60 2.23 39.73 -12.47
C LEU B 60 1.85 39.99 -11.01
N CYS B 61 2.07 38.98 -10.15
CA CYS B 61 1.78 39.12 -8.74
C CYS B 61 2.57 40.25 -8.11
N VAL B 62 3.89 40.28 -8.33
CA VAL B 62 4.71 41.31 -7.72
C VAL B 62 4.38 42.68 -8.29
N GLU B 63 4.06 42.76 -9.59
CA GLU B 63 3.66 44.04 -10.17
C GLU B 63 2.41 44.57 -9.49
N HIS B 64 1.38 43.73 -9.36
CA HIS B 64 0.11 44.25 -8.90
C HIS B 64 0.08 44.50 -7.39
N TYR B 65 0.78 43.69 -6.60
CA TYR B 65 0.70 43.85 -5.16
C TYR B 65 1.88 44.58 -4.53
N TYR B 66 3.02 44.69 -5.21
CA TYR B 66 4.15 45.39 -4.65
C TYR B 66 4.68 46.50 -5.54
N ASN B 67 4.10 46.69 -6.73
CA ASN B 67 4.56 47.70 -7.69
C ASN B 67 6.04 47.49 -8.03
N SER B 68 6.34 46.27 -8.48
CA SER B 68 7.69 45.90 -8.91
C SER B 68 8.72 46.12 -7.81
N ASP B 69 8.36 45.78 -6.57
CA ASP B 69 9.28 45.82 -5.44
C ASP B 69 9.67 44.39 -5.10
N LYS B 70 10.97 44.12 -5.12
CA LYS B 70 11.49 42.79 -4.88
C LYS B 70 12.00 42.57 -3.47
N ASP B 71 12.48 43.63 -2.82
CA ASP B 71 13.00 43.48 -1.46
C ASP B 71 11.89 43.04 -0.51
N LYS B 72 10.72 43.67 -0.60
CA LYS B 72 9.62 43.31 0.29
C LYS B 72 8.99 41.98 -0.10
N PHE B 73 8.96 41.67 -1.40
CA PHE B 73 8.39 40.41 -1.85
C PHE B 73 9.17 39.22 -1.30
N ASN B 74 10.51 39.28 -1.37
CA ASN B 74 11.31 38.15 -0.95
C ASN B 74 11.35 37.98 0.56
N THR B 75 10.94 38.99 1.32
CA THR B 75 10.78 38.87 2.76
C THR B 75 9.32 38.77 3.18
N SER B 76 8.41 38.66 2.23
CA SER B 76 6.99 38.58 2.54
C SER B 76 6.66 37.23 3.17
N PRO B 77 5.53 37.14 3.89
CA PRO B 77 5.13 35.84 4.45
C PRO B 77 4.94 34.76 3.40
N ILE B 78 4.53 35.13 2.19
CA ILE B 78 4.51 34.17 1.08
C ILE B 78 5.89 33.56 0.88
N ALA B 79 6.90 34.41 0.82
CA ALA B 79 8.26 33.93 0.57
C ALA B 79 8.74 33.04 1.70
N LYS B 80 8.49 33.41 2.95
CA LYS B 80 8.94 32.59 4.06
C LYS B 80 8.22 31.24 4.10
N TYR B 81 6.90 31.27 3.88
CA TYR B 81 6.16 30.02 3.91
C TYR B 81 6.60 29.09 2.79
N LEU B 82 6.96 29.66 1.64
CA LEU B 82 7.49 28.84 0.56
C LEU B 82 8.94 28.43 0.82
N ARG B 83 9.66 29.20 1.64
CA ARG B 83 10.94 28.71 2.18
C ARG B 83 10.71 27.41 2.91
N ASP B 84 9.70 27.39 3.78
CA ASP B 84 9.37 26.15 4.49
C ASP B 84 8.94 25.06 3.53
N ALA B 85 8.11 25.40 2.53
CA ALA B 85 7.57 24.41 1.62
C ALA B 85 8.58 23.90 0.62
N GLY B 86 9.67 24.62 0.39
CA GLY B 86 10.71 24.15 -0.50
C GLY B 86 10.73 24.80 -1.87
N TYR B 87 10.49 26.11 -1.91
CA TYR B 87 10.53 26.88 -3.14
C TYR B 87 11.77 27.77 -3.13
N GLU B 88 12.51 27.79 -4.23
CA GLU B 88 13.69 28.63 -4.36
C GLU B 88 13.40 29.81 -5.27
N PHE B 89 13.64 31.01 -4.77
CA PHE B 89 13.40 32.24 -5.51
C PHE B 89 14.74 32.89 -5.81
N ASP B 90 15.03 33.09 -7.09
CA ASP B 90 16.24 33.76 -7.53
C ASP B 90 15.88 34.83 -8.56
N VAL B 91 16.65 35.91 -8.55
CA VAL B 91 16.34 37.09 -9.36
C VAL B 91 17.28 37.12 -10.56
N ILE B 92 16.71 37.44 -11.72
CA ILE B 92 17.46 37.57 -12.97
C ILE B 92 17.26 38.99 -13.48
N LYS B 93 18.37 39.65 -13.83
CA LYS B 93 18.33 41.06 -14.22
C LYS B 93 18.33 41.17 -15.75
N ASN B 94 17.15 40.98 -16.33
CA ASN B 94 16.96 41.21 -17.76
C ASN B 94 16.36 42.60 -17.96
N ALA B 95 17.20 43.60 -17.68
CA ALA B 95 16.74 44.99 -17.69
C ALA B 95 16.39 45.46 -19.10
N ASP B 96 17.18 45.07 -20.09
CA ASP B 96 17.00 45.55 -21.45
C ASP B 96 16.00 44.73 -22.26
N ALA B 97 15.40 43.71 -21.66
CA ALA B 97 14.45 42.88 -22.38
C ALA B 97 13.19 43.66 -22.72
N THR B 98 12.77 43.57 -23.98
CA THR B 98 11.55 44.20 -24.47
C THR B 98 10.54 43.18 -25.00
N ARG B 99 10.98 42.27 -25.85
CA ARG B 99 10.13 41.18 -26.30
C ARG B 99 9.98 40.15 -25.19
N PHE B 100 8.80 39.52 -25.13
CA PHE B 100 8.55 38.50 -24.13
C PHE B 100 9.54 37.34 -24.29
N LEU B 101 9.87 36.99 -25.53
CA LEU B 101 10.73 35.84 -25.79
C LEU B 101 12.13 36.03 -25.23
N ASP B 102 12.54 37.26 -24.94
CA ASP B 102 13.90 37.50 -24.48
C ASP B 102 14.14 36.90 -23.10
N VAL B 103 13.14 36.99 -22.21
CA VAL B 103 13.35 36.60 -20.82
C VAL B 103 13.30 35.10 -20.59
N ILE B 104 12.67 34.34 -21.47
CA ILE B 104 12.56 32.89 -21.27
C ILE B 104 13.93 32.25 -21.49
N PRO B 105 14.34 31.31 -20.62
CA PRO B 105 15.60 30.58 -20.79
C PRO B 105 15.59 29.68 -22.02
N HIS B 109 12.95 21.79 -25.69
CA HIS B 109 11.51 21.60 -25.64
C HIS B 109 10.78 22.92 -25.80
N TYR B 110 11.54 23.99 -26.00
CA TYR B 110 10.97 25.32 -26.18
C TYR B 110 10.37 25.53 -27.57
N SER B 111 10.63 24.62 -28.50
CA SER B 111 10.23 24.84 -29.89
C SER B 111 8.74 25.08 -30.06
N PRO B 112 7.83 24.27 -29.51
CA PRO B 112 6.41 24.63 -29.62
C PRO B 112 6.07 25.98 -29.01
N LEU B 113 6.69 26.32 -27.88
CA LEU B 113 6.43 27.61 -27.25
C LEU B 113 6.93 28.75 -28.11
N ILE B 114 8.13 28.61 -28.68
CA ILE B 114 8.68 29.65 -29.55
C ILE B 114 7.81 29.82 -30.80
N LEU B 115 7.40 28.71 -31.41
CA LEU B 115 6.54 28.78 -32.58
C LEU B 115 5.20 29.43 -32.26
N ALA B 116 4.64 29.15 -31.08
CA ALA B 116 3.41 29.81 -30.67
C ALA B 116 3.63 31.31 -30.45
N LEU B 117 4.77 31.69 -29.88
CA LEU B 117 5.06 33.10 -29.61
C LEU B 117 5.44 33.86 -30.88
N LYS B 118 5.76 33.18 -31.96
CA LYS B 118 5.89 33.84 -33.26
C LYS B 118 4.62 34.58 -33.67
N THR B 119 3.45 34.14 -33.20
CA THR B 119 2.20 34.79 -33.57
C THR B 119 2.02 36.15 -32.89
N LEU B 120 2.85 36.49 -31.92
CA LEU B 120 2.74 37.77 -31.24
C LEU B 120 3.32 38.89 -32.09
N GLY B 128 -4.46 49.32 -15.36
CA GLY B 128 -4.50 48.30 -14.32
C GLY B 128 -5.04 46.98 -14.81
N ARG B 129 -4.76 46.67 -16.07
CA ARG B 129 -5.23 45.43 -16.68
C ARG B 129 -4.68 44.20 -15.96
N ILE B 130 -3.55 44.34 -15.26
CA ILE B 130 -3.02 43.26 -14.44
C ILE B 130 -4.02 42.90 -13.35
N GLY B 131 -4.61 43.91 -12.72
CA GLY B 131 -5.64 43.65 -11.73
C GLY B 131 -6.86 42.95 -12.32
N LEU B 132 -7.25 43.35 -13.53
CA LEU B 132 -8.34 42.66 -14.21
C LEU B 132 -8.00 41.18 -14.39
N PHE B 133 -6.78 40.89 -14.84
CA PHE B 133 -6.38 39.51 -15.06
C PHE B 133 -6.38 38.72 -13.76
N LEU B 134 -5.81 39.28 -12.70
CA LEU B 134 -5.70 38.54 -11.44
C LEU B 134 -7.08 38.33 -10.81
N SER B 135 -7.95 39.34 -10.87
CA SER B 135 -9.29 39.15 -10.34
C SER B 135 -10.07 38.14 -11.17
N PHE B 136 -9.89 38.15 -12.49
CA PHE B 136 -10.54 37.16 -13.34
C PHE B 136 -10.09 35.76 -12.98
N CYS B 137 -8.79 35.59 -12.73
CA CYS B 137 -8.30 34.28 -12.30
C CYS B 137 -8.90 33.90 -10.94
N SER B 138 -8.94 34.84 -10.01
CA SER B 138 -9.48 34.54 -8.68
C SER B 138 -10.95 34.15 -8.74
N LEU B 139 -11.67 34.64 -9.76
CA LEU B 139 -13.07 34.25 -9.91
C LEU B 139 -13.23 32.74 -10.04
N PHE B 140 -12.20 32.04 -10.50
CA PHE B 140 -12.28 30.60 -10.67
C PHE B 140 -12.06 29.83 -9.37
N LEU B 141 -11.57 30.49 -8.32
CA LEU B 141 -11.26 29.77 -7.08
C LEU B 141 -12.47 29.12 -6.41
N PRO B 142 -13.62 29.80 -6.23
CA PRO B 142 -14.70 29.17 -5.45
C PRO B 142 -15.15 27.81 -5.97
N LYS B 143 -15.21 27.62 -7.29
CA LYS B 143 -15.64 26.36 -7.88
C LYS B 143 -14.55 25.76 -8.76
N LEU B 144 -13.31 25.80 -8.29
CA LEU B 144 -12.20 25.27 -9.08
C LEU B 144 -12.17 23.74 -9.09
N VAL B 145 -12.47 23.11 -7.97
CA VAL B 145 -12.33 21.66 -7.86
C VAL B 145 -13.57 20.90 -8.31
N VAL B 146 -14.69 21.60 -8.58
CA VAL B 146 -15.89 20.90 -9.01
C VAL B 146 -15.80 20.52 -10.47
N GLY B 147 -14.82 21.05 -11.19
CA GLY B 147 -14.68 20.75 -12.60
C GLY B 147 -14.55 22.01 -13.44
N ASP B 148 -15.04 21.98 -14.67
CA ASP B 148 -15.03 23.15 -15.54
C ASP B 148 -16.40 23.72 -15.82
N ARG B 149 -17.44 22.89 -15.92
CA ARG B 149 -18.78 23.37 -16.19
C ARG B 149 -19.22 24.36 -15.11
N ALA B 150 -19.34 23.88 -13.88
CA ALA B 150 -19.77 24.75 -12.78
C ALA B 150 -18.76 25.85 -12.53
N SER B 151 -17.49 25.60 -12.80
CA SER B 151 -16.48 26.62 -12.63
C SER B 151 -16.76 27.83 -13.52
N ILE B 152 -16.97 27.59 -14.82
CA ILE B 152 -17.23 28.71 -15.72
C ILE B 152 -18.61 29.29 -15.46
N GLU B 153 -19.56 28.47 -15.01
CA GLU B 153 -20.88 29.02 -14.67
C GLU B 153 -20.78 30.02 -13.52
N LYS B 154 -20.07 29.66 -12.46
CA LYS B 154 -19.89 30.60 -11.37
C LYS B 154 -19.01 31.78 -11.76
N ALA B 155 -18.05 31.58 -12.66
CA ALA B 155 -17.29 32.71 -13.17
C ALA B 155 -18.20 33.70 -13.88
N LEU B 156 -19.10 33.20 -14.73
CA LEU B 156 -20.05 34.09 -15.42
C LEU B 156 -20.96 34.79 -14.43
N ARG B 157 -21.45 34.06 -13.42
CA ARG B 157 -22.30 34.68 -12.41
C ARG B 157 -21.56 35.79 -11.67
N GLN B 158 -20.31 35.53 -11.30
CA GLN B 158 -19.52 36.53 -10.58
C GLN B 158 -19.25 37.75 -11.45
N VAL B 159 -18.95 37.53 -12.74
CA VAL B 159 -18.76 38.66 -13.63
C VAL B 159 -20.03 39.50 -13.71
N THR B 160 -21.18 38.84 -13.86
CA THR B 160 -22.43 39.58 -13.95
C THR B 160 -22.70 40.38 -12.67
N VAL B 161 -22.52 39.76 -11.50
CA VAL B 161 -22.83 40.46 -10.26
C VAL B 161 -21.85 41.60 -10.02
N HIS B 162 -20.57 41.41 -10.37
CA HIS B 162 -19.59 42.48 -10.17
C HIS B 162 -19.84 43.64 -11.12
N GLN B 163 -20.23 43.37 -12.37
CA GLN B 163 -20.62 44.45 -13.25
C GLN B 163 -21.86 45.17 -12.72
N GLU B 164 -22.80 44.42 -12.15
CA GLU B 164 -24.01 45.04 -11.63
C GLU B 164 -23.69 45.95 -10.46
N GLN B 165 -22.76 45.54 -9.58
CA GLN B 165 -22.34 46.40 -8.48
C GLN B 165 -21.55 47.61 -8.96
N GLY B 166 -21.12 47.63 -10.23
CA GLY B 166 -20.32 48.73 -10.71
C GLY B 166 -18.87 48.70 -10.29
N ILE B 167 -18.39 47.57 -9.77
CA ILE B 167 -17.01 47.48 -9.33
C ILE B 167 -16.07 47.45 -10.53
N VAL B 168 -16.30 46.51 -11.45
CA VAL B 168 -15.41 46.30 -12.59
C VAL B 168 -16.23 46.00 -13.83
N THR B 169 -15.72 46.44 -14.98
CA THR B 169 -16.30 46.14 -16.29
C THR B 169 -15.21 45.43 -17.10
N TYR B 170 -15.36 44.12 -17.23
CA TYR B 170 -14.33 43.31 -17.88
C TYR B 170 -14.38 43.47 -19.40
N PRO B 171 -13.28 43.19 -20.09
CA PRO B 171 -13.33 43.15 -21.55
C PRO B 171 -14.30 42.08 -22.03
N ASN B 172 -15.00 42.40 -23.13
CA ASN B 172 -15.99 41.47 -23.64
C ASN B 172 -15.36 40.18 -24.15
N HIS B 173 -14.17 40.29 -24.76
CA HIS B 173 -13.52 39.11 -25.31
C HIS B 173 -13.11 38.11 -24.25
N TRP B 174 -12.87 38.56 -23.02
CA TRP B 174 -12.53 37.64 -21.94
C TRP B 174 -13.71 36.75 -21.56
N LEU B 175 -14.93 37.13 -21.91
CA LEU B 175 -16.10 36.35 -21.54
C LEU B 175 -16.38 35.20 -22.51
N THR B 176 -15.57 35.03 -23.54
CA THR B 176 -15.73 33.91 -24.46
C THR B 176 -15.36 32.61 -23.78
N THR B 177 -16.07 31.53 -24.14
CA THR B 177 -15.90 30.25 -23.48
C THR B 177 -14.45 29.75 -23.56
N GLY B 178 -13.81 29.96 -24.71
CA GLY B 178 -12.43 29.56 -24.85
C GLY B 178 -11.51 30.25 -23.85
N HIS B 179 -11.78 31.53 -23.58
CA HIS B 179 -10.91 32.27 -22.67
C HIS B 179 -11.03 31.75 -21.24
N MET B 180 -12.27 31.53 -20.75
CA MET B 180 -12.41 30.96 -19.41
C MET B 180 -11.85 29.55 -19.37
N LYS B 181 -11.95 28.80 -20.46
CA LYS B 181 -11.34 27.48 -20.48
C LYS B 181 -9.83 27.57 -20.31
N VAL B 182 -9.21 28.51 -21.01
CA VAL B 182 -7.76 28.69 -20.91
C VAL B 182 -7.38 29.11 -19.49
N ILE B 183 -8.15 30.03 -18.91
CA ILE B 183 -7.84 30.50 -17.56
C ILE B 183 -8.04 29.38 -16.55
N PHE B 184 -9.06 28.56 -16.72
CA PHE B 184 -9.26 27.43 -15.84
C PHE B 184 -8.09 26.46 -15.93
N GLY B 185 -7.62 26.18 -17.14
CA GLY B 185 -6.49 25.29 -17.30
C GLY B 185 -5.23 25.84 -16.65
N ILE B 186 -4.96 27.13 -16.90
CA ILE B 186 -3.74 27.73 -16.37
C ILE B 186 -3.79 27.81 -14.85
N LEU B 187 -4.98 28.04 -14.27
CA LEU B 187 -5.08 28.11 -12.81
C LEU B 187 -5.00 26.74 -12.19
N ARG B 188 -5.63 25.73 -12.81
CA ARG B 188 -5.60 24.39 -12.25
C ARG B 188 -4.21 23.79 -12.32
N SER B 189 -3.47 24.09 -13.38
CA SER B 189 -2.13 23.53 -13.54
C SER B 189 -1.07 24.25 -12.71
N SER B 190 -1.35 25.45 -12.20
CA SER B 190 -0.36 26.26 -11.50
C SER B 190 -0.74 26.38 -10.04
N PHE B 191 0.19 26.01 -9.16
CA PHE B 191 -0.03 26.14 -7.73
C PHE B 191 0.27 27.55 -7.23
N ILE B 192 1.25 28.21 -7.84
CA ILE B 192 1.71 29.50 -7.32
C ILE B 192 0.61 30.55 -7.45
N LEU B 193 -0.13 30.54 -8.56
CA LEU B 193 -1.23 31.48 -8.73
C LEU B 193 -2.26 31.32 -7.63
N LYS B 194 -2.74 30.09 -7.44
CA LYS B 194 -3.64 29.82 -6.32
C LYS B 194 -3.07 30.40 -5.05
N PHE B 195 -1.91 29.88 -4.62
CA PHE B 195 -1.44 30.20 -3.28
C PHE B 195 -1.27 31.71 -3.07
N VAL B 196 -0.77 32.43 -4.07
CA VAL B 196 -0.62 33.87 -3.90
C VAL B 196 -1.99 34.52 -3.78
N LEU B 197 -2.97 34.06 -4.56
CA LEU B 197 -4.31 34.64 -4.48
C LEU B 197 -4.94 34.40 -3.11
N ILE B 198 -4.88 33.17 -2.62
CA ILE B 198 -5.42 32.88 -1.29
C ILE B 198 -4.68 33.66 -0.20
N HIS B 199 -3.35 33.73 -0.29
CA HIS B 199 -2.62 34.46 0.74
C HIS B 199 -2.99 35.94 0.75
N GLN B 200 -3.11 36.55 -0.43
CA GLN B 200 -3.48 37.95 -0.50
C GLN B 200 -4.89 38.18 0.01
N GLY B 201 -5.81 37.28 -0.34
CA GLY B 201 -7.17 37.42 0.16
C GLY B 201 -7.26 37.26 1.66
N VAL B 202 -6.54 36.29 2.21
CA VAL B 202 -6.65 36.00 3.64
C VAL B 202 -5.97 37.09 4.46
N ASN B 203 -4.73 37.44 4.12
CA ASN B 203 -3.91 38.25 5.00
C ASN B 203 -4.15 39.75 4.85
N LEU B 204 -4.85 40.18 3.80
CA LEU B 204 -5.20 41.59 3.67
C LEU B 204 -6.15 41.98 4.80
N VAL B 205 -5.87 43.12 5.44
CA VAL B 205 -6.69 43.64 6.52
C VAL B 205 -7.56 44.78 6.05
N THR B 206 -6.93 45.86 5.56
CA THR B 206 -7.66 47.01 5.04
C THR B 206 -6.98 47.44 3.74
N GLY B 207 -7.39 48.59 3.22
CA GLY B 207 -6.74 49.14 2.04
C GLY B 207 -7.07 48.43 0.75
N HIS B 208 -8.18 47.69 0.71
CA HIS B 208 -8.57 47.03 -0.53
C HIS B 208 -9.01 48.06 -1.56
N ASP B 209 -8.47 47.96 -2.76
CA ASP B 209 -9.06 48.64 -3.90
C ASP B 209 -10.18 47.74 -4.44
N ALA B 210 -10.70 48.05 -5.62
CA ALA B 210 -11.72 47.18 -6.21
C ALA B 210 -11.15 45.79 -6.48
N TYR B 211 -9.90 45.74 -6.95
CA TYR B 211 -9.33 44.49 -7.42
C TYR B 211 -9.01 43.57 -6.24
N ASP B 212 -8.36 44.10 -5.21
CA ASP B 212 -8.11 43.32 -4.00
C ASP B 212 -9.42 42.96 -3.31
N SER B 213 -10.44 43.80 -3.44
CA SER B 213 -11.74 43.45 -2.90
C SER B 213 -12.31 42.23 -3.60
N ILE B 214 -12.19 42.16 -4.92
CA ILE B 214 -12.64 40.98 -5.66
C ILE B 214 -11.84 39.77 -5.24
N ILE B 215 -10.52 39.93 -5.11
CA ILE B 215 -9.68 38.81 -4.67
C ILE B 215 -10.14 38.29 -3.32
N SER B 216 -10.36 39.21 -2.37
CA SER B 216 -10.76 38.80 -1.03
C SER B 216 -12.12 38.14 -1.02
N ASN B 217 -13.06 38.66 -1.81
CA ASN B 217 -14.38 38.05 -1.89
C ASN B 217 -14.31 36.65 -2.47
N SER B 218 -13.52 36.47 -3.54
CA SER B 218 -13.36 35.14 -4.13
C SER B 218 -12.70 34.17 -3.15
N VAL B 219 -11.69 34.64 -2.41
CA VAL B 219 -11.04 33.79 -1.44
C VAL B 219 -12.01 33.39 -0.34
N GLY B 220 -12.80 34.34 0.14
CA GLY B 220 -13.79 34.02 1.16
C GLY B 220 -14.82 33.03 0.68
N GLN B 221 -15.27 33.18 -0.57
CA GLN B 221 -16.18 32.19 -1.15
C GLN B 221 -15.50 30.86 -1.38
N THR B 222 -14.18 30.83 -1.47
CA THR B 222 -13.43 29.62 -1.73
C THR B 222 -13.16 28.81 -0.47
N ARG B 223 -13.48 29.36 0.70
CA ARG B 223 -13.26 28.64 1.95
C ARG B 223 -13.97 27.30 1.94
N PHE B 224 -13.21 26.25 2.28
CA PHE B 224 -13.73 24.88 2.34
C PHE B 224 -14.33 24.45 1.00
N SER B 225 -13.72 24.89 -0.10
CA SER B 225 -14.15 24.43 -1.41
C SER B 225 -13.70 22.98 -1.61
N GLY B 226 -14.65 22.11 -1.95
CA GLY B 226 -14.34 20.70 -2.07
C GLY B 226 -14.23 19.96 -0.75
N LEU B 227 -14.45 20.64 0.37
CA LEU B 227 -14.41 20.04 1.70
C LEU B 227 -15.75 20.16 2.41
N LEU B 228 -16.84 19.98 1.67
CA LEU B 228 -18.16 20.04 2.27
C LEU B 228 -18.34 18.98 3.35
N ILE B 229 -17.64 17.85 3.24
CA ILE B 229 -17.71 16.82 4.27
C ILE B 229 -17.24 17.37 5.61
N VAL B 230 -16.18 18.19 5.59
CA VAL B 230 -15.66 18.75 6.83
C VAL B 230 -16.70 19.63 7.51
N LYS B 231 -17.29 20.56 6.74
CA LYS B 231 -18.31 21.44 7.31
C LYS B 231 -19.50 20.66 7.81
N THR B 232 -19.98 19.70 7.02
CA THR B 232 -21.16 18.94 7.42
C THR B 232 -20.90 18.17 8.72
N VAL B 233 -19.78 17.46 8.79
CA VAL B 233 -19.49 16.67 9.98
C VAL B 233 -19.30 17.57 11.19
N LEU B 234 -18.58 18.68 11.04
CA LEU B 234 -18.27 19.51 12.20
C LEU B 234 -19.46 20.34 12.67
N GLU B 235 -20.39 20.68 11.78
CA GLU B 235 -21.51 21.52 12.18
C GLU B 235 -22.81 20.76 12.33
N PHE B 236 -22.84 19.46 12.05
CA PHE B 236 -24.07 18.70 12.13
C PHE B 236 -23.95 17.37 12.85
N ILE B 237 -22.76 16.96 13.27
CA ILE B 237 -22.54 15.70 13.97
C ILE B 237 -21.84 15.91 15.30
N LEU B 238 -20.69 16.58 15.28
CA LEU B 238 -19.96 16.90 16.50
C LEU B 238 -20.35 18.31 16.93
N GLN B 239 -20.87 18.43 18.15
CA GLN B 239 -21.28 19.73 18.70
C GLN B 239 -20.63 19.91 20.06
N LYS B 240 -20.19 21.13 20.35
CA LYS B 240 -19.68 21.47 21.68
C LYS B 240 -20.84 21.99 22.54
N THR B 241 -21.10 21.31 23.64
CA THR B 241 -21.95 21.80 24.70
C THR B 241 -21.08 22.31 25.84
N ASP B 242 -21.72 22.66 26.96
CA ASP B 242 -20.96 23.03 28.15
C ASP B 242 -20.16 21.86 28.71
N SER B 243 -20.51 20.63 28.32
CA SER B 243 -19.78 19.44 28.74
C SER B 243 -18.84 18.93 27.65
N GLY B 244 -18.34 19.80 26.81
CA GLY B 244 -17.44 19.40 25.74
C GLY B 244 -18.18 18.97 24.48
N VAL B 245 -17.46 18.27 23.62
CA VAL B 245 -17.99 17.84 22.33
C VAL B 245 -18.94 16.67 22.55
N THR B 246 -20.08 16.71 21.86
CA THR B 246 -21.07 15.65 21.93
C THR B 246 -21.24 15.00 20.55
N LEU B 247 -21.78 13.79 20.57
CA LEU B 247 -22.00 13.01 19.35
C LEU B 247 -23.46 13.10 18.95
N HIS B 248 -23.71 13.15 17.65
CA HIS B 248 -25.08 13.17 17.17
C HIS B 248 -25.79 11.87 17.53
N PRO B 249 -27.04 11.93 17.97
CA PRO B 249 -27.75 10.69 18.33
C PRO B 249 -27.86 9.70 17.20
N LEU B 250 -27.93 10.17 15.96
CA LEU B 250 -28.11 9.28 14.82
C LEU B 250 -26.85 8.51 14.46
N VAL B 251 -25.69 8.91 14.99
CA VAL B 251 -24.42 8.31 14.59
C VAL B 251 -23.75 7.58 15.75
N ARG B 252 -24.51 7.18 16.77
CA ARG B 252 -23.91 6.44 17.88
C ARG B 252 -23.58 4.99 17.52
N THR B 253 -24.00 4.51 16.36
CA THR B 253 -23.68 3.15 15.96
C THR B 253 -22.19 3.00 15.68
N SER B 254 -21.66 1.81 15.97
CA SER B 254 -20.27 1.52 15.71
C SER B 254 -19.93 1.61 14.23
N LYS B 255 -20.88 1.19 13.37
CA LYS B 255 -20.75 1.36 11.92
C LYS B 255 -20.12 2.68 11.56
N VAL B 256 -20.68 3.78 12.09
CA VAL B 256 -20.14 5.10 11.84
C VAL B 256 -19.32 5.62 13.01
N LYS B 257 -19.31 4.94 14.15
CA LYS B 257 -18.44 5.38 15.25
C LYS B 257 -16.97 5.22 14.87
N ASN B 258 -16.61 4.05 14.33
CA ASN B 258 -15.24 3.88 13.85
C ASN B 258 -14.94 4.86 12.72
N GLU B 259 -15.93 5.14 11.89
CA GLU B 259 -15.76 6.07 10.78
C GLU B 259 -15.51 7.49 11.28
N VAL B 260 -16.20 7.90 12.35
CA VAL B 260 -15.94 9.21 12.96
C VAL B 260 -14.57 9.24 13.60
N ALA B 261 -14.14 8.12 14.19
CA ALA B 261 -12.78 8.08 14.73
C ALA B 261 -11.75 8.31 13.62
N SER B 262 -11.95 7.64 12.47
CA SER B 262 -11.05 7.85 11.34
C SER B 262 -11.12 9.27 10.83
N PHE B 263 -12.32 9.86 10.79
CA PHE B 263 -12.47 11.24 10.35
C PHE B 263 -11.76 12.19 11.30
N LYS B 264 -11.84 11.93 12.60
CA LYS B 264 -11.12 12.73 13.58
C LYS B 264 -9.62 12.65 13.36
N GLN B 265 -9.12 11.44 13.07
CA GLN B 265 -7.70 11.28 12.75
C GLN B 265 -7.32 12.12 11.54
N ALA B 266 -8.12 12.03 10.46
CA ALA B 266 -7.80 12.78 9.25
C ALA B 266 -7.88 14.29 9.50
N LEU B 267 -8.85 14.73 10.29
CA LEU B 267 -8.97 16.15 10.60
C LEU B 267 -7.79 16.64 11.40
N SER B 268 -7.32 15.85 12.37
CA SER B 268 -6.15 16.22 13.14
C SER B 268 -4.91 16.27 12.24
N ASN B 269 -4.82 15.35 11.29
CA ASN B 269 -3.72 15.40 10.33
C ASN B 269 -3.77 16.67 9.49
N LEU B 270 -4.97 17.07 9.07
CA LEU B 270 -5.14 18.31 8.31
C LEU B 270 -4.88 19.55 9.17
N ALA B 271 -4.96 19.40 10.49
CA ALA B 271 -4.82 20.56 11.38
C ALA B 271 -3.45 21.21 11.27
N ARG B 272 -2.41 20.41 11.12
CA ARG B 272 -1.05 20.93 11.13
C ARG B 272 -0.75 21.88 9.98
N HIS B 273 -1.59 21.90 8.94
CA HIS B 273 -1.36 22.84 7.84
C HIS B 273 -1.53 24.28 8.29
N GLY B 274 -2.52 24.55 9.13
CA GLY B 274 -2.68 25.87 9.69
C GLY B 274 -3.80 26.69 9.08
N GLU B 275 -3.53 27.96 8.82
CA GLU B 275 -4.56 28.88 8.34
C GLU B 275 -5.06 28.54 6.94
N TYR B 276 -4.30 27.75 6.18
CA TYR B 276 -4.69 27.39 4.83
C TYR B 276 -5.44 26.06 4.78
N ALA B 277 -5.80 25.51 5.94
CA ALA B 277 -6.59 24.28 5.96
C ALA B 277 -7.88 24.36 5.16
N PRO B 278 -8.67 25.44 5.22
CA PRO B 278 -9.89 25.48 4.39
C PRO B 278 -9.63 25.33 2.91
N PHE B 279 -8.46 25.76 2.43
CA PHE B 279 -8.12 25.68 1.02
C PHE B 279 -7.31 24.43 0.69
N ALA B 280 -7.41 23.39 1.52
CA ALA B 280 -6.60 22.20 1.33
C ALA B 280 -6.92 21.50 0.01
N ARG B 281 -8.20 21.38 -0.32
CA ARG B 281 -8.55 20.76 -1.59
C ARG B 281 -8.16 21.63 -2.77
N VAL B 282 -8.25 22.95 -2.61
CA VAL B 282 -7.88 23.85 -3.70
C VAL B 282 -6.39 23.74 -4.01
N LEU B 283 -5.55 23.72 -2.97
CA LEU B 283 -4.11 23.70 -3.15
C LEU B 283 -3.50 22.31 -3.07
N ASN B 284 -4.31 21.29 -2.80
CA ASN B 284 -3.84 19.90 -2.71
C ASN B 284 -2.74 19.75 -1.65
N LEU B 285 -3.10 20.08 -0.41
CA LEU B 285 -2.15 19.95 0.68
C LEU B 285 -2.02 18.51 1.13
N SER B 286 -1.10 18.27 2.06
CA SER B 286 -0.91 16.93 2.60
C SER B 286 -2.11 16.53 3.44
N GLY B 287 -2.49 15.26 3.34
CA GLY B 287 -3.63 14.75 4.09
C GLY B 287 -4.97 15.04 3.46
N ILE B 288 -5.01 15.71 2.31
CA ILE B 288 -6.28 16.02 1.67
C ILE B 288 -6.96 14.75 1.17
N ASN B 289 -6.19 13.77 0.72
CA ASN B 289 -6.77 12.52 0.25
C ASN B 289 -7.33 11.68 1.39
N ASN B 290 -7.01 12.01 2.63
CA ASN B 290 -7.56 11.32 3.79
C ASN B 290 -8.93 11.86 4.19
N LEU B 291 -9.37 12.97 3.61
CA LEU B 291 -10.72 13.49 3.80
C LEU B 291 -11.64 13.10 2.65
N GLU B 292 -11.38 11.96 2.02
CA GLU B 292 -12.11 11.54 0.85
C GLU B 292 -13.52 11.07 1.21
N HIS B 293 -14.46 11.28 0.30
CA HIS B 293 -15.81 10.74 0.49
C HIS B 293 -15.81 9.23 0.46
N GLY B 294 -14.99 8.64 -0.42
CA GLY B 294 -14.94 7.19 -0.53
C GLY B 294 -14.49 6.52 0.75
N LEU B 295 -13.55 7.12 1.47
CA LEU B 295 -13.06 6.54 2.72
C LEU B 295 -14.06 6.68 3.85
N TYR B 296 -15.06 7.55 3.71
CA TYR B 296 -16.14 7.68 4.70
C TYR B 296 -17.48 7.69 3.99
N PRO B 297 -17.89 6.56 3.42
CA PRO B 297 -19.16 6.53 2.67
C PRO B 297 -20.37 6.80 3.55
N GLN B 298 -20.53 5.99 4.60
CA GLN B 298 -21.69 6.14 5.48
C GLN B 298 -21.67 7.48 6.20
N LEU B 299 -20.50 7.88 6.69
CA LEU B 299 -20.40 9.15 7.40
C LEU B 299 -20.71 10.32 6.50
N SER B 300 -20.18 10.30 5.28
CA SER B 300 -20.45 11.40 4.34
C SER B 300 -21.93 11.47 4.02
N ALA B 301 -22.55 10.32 3.72
CA ALA B 301 -23.98 10.32 3.37
C ALA B 301 -24.83 10.81 4.54
N ILE B 302 -24.53 10.34 5.75
CA ILE B 302 -25.31 10.73 6.92
C ILE B 302 -25.14 12.22 7.20
N ALA B 303 -23.91 12.71 7.17
CA ALA B 303 -23.67 14.12 7.45
C ALA B 303 -24.35 15.00 6.41
N LEU B 304 -24.27 14.62 5.14
CA LEU B 304 -24.91 15.40 4.11
C LEU B 304 -26.43 15.38 4.24
N GLY B 305 -27.00 14.23 4.61
CA GLY B 305 -28.43 14.18 4.84
C GLY B 305 -28.87 15.07 5.99
N VAL B 306 -28.13 15.03 7.10
CA VAL B 306 -28.45 15.90 8.24
C VAL B 306 -28.34 17.36 7.84
N ALA B 307 -27.28 17.71 7.12
CA ALA B 307 -27.09 19.08 6.68
C ALA B 307 -28.22 19.54 5.76
N THR B 308 -28.64 18.66 4.84
CA THR B 308 -29.77 18.98 3.98
C THR B 308 -31.04 19.19 4.79
N ALA B 309 -31.22 18.38 5.84
CA ALA B 309 -32.36 18.57 6.73
C ALA B 309 -32.31 19.94 7.39
N HIS B 310 -31.12 20.38 7.79
CA HIS B 310 -31.00 21.71 8.37
C HIS B 310 -30.98 22.79 7.29
N GLY B 311 -29.99 22.76 6.41
CA GLY B 311 -29.88 23.75 5.36
C GLY B 311 -30.67 23.41 4.12
N SER B 312 -31.59 24.29 3.73
CA SER B 312 -32.43 24.02 2.57
C SER B 312 -31.62 23.98 1.29
N THR B 313 -30.69 24.91 1.12
CA THR B 313 -29.93 25.01 -0.13
C THR B 313 -28.97 23.84 -0.33
N LEU B 314 -28.66 23.09 0.72
CA LEU B 314 -27.75 21.96 0.61
C LEU B 314 -28.34 20.79 -0.16
N ALA B 315 -29.65 20.81 -0.45
CA ALA B 315 -30.25 19.73 -1.21
C ALA B 315 -29.83 19.75 -2.68
N GLY B 316 -29.18 20.82 -3.12
CA GLY B 316 -28.75 20.92 -4.50
C GLY B 316 -27.46 20.20 -4.82
N VAL B 317 -26.80 19.60 -3.84
CA VAL B 317 -25.52 18.93 -4.10
C VAL B 317 -25.79 17.64 -4.86
N ASN B 318 -25.03 17.43 -5.93
CA ASN B 318 -25.08 16.18 -6.68
C ASN B 318 -24.14 15.18 -6.00
N VAL B 319 -24.61 13.95 -5.83
CA VAL B 319 -23.85 12.94 -5.12
C VAL B 319 -23.91 11.64 -5.93
N GLY B 320 -22.95 10.76 -5.70
CA GLY B 320 -22.93 9.49 -6.38
C GLY B 320 -24.17 8.65 -6.07
N GLU B 321 -24.52 7.79 -7.03
CA GLU B 321 -25.76 7.02 -6.93
C GLU B 321 -25.77 6.05 -5.77
N GLN B 322 -24.59 5.71 -5.22
CA GLN B 322 -24.54 4.78 -4.11
C GLN B 322 -24.79 5.47 -2.77
N TYR B 323 -25.01 6.79 -2.79
CA TYR B 323 -25.20 7.55 -1.56
C TYR B 323 -26.60 8.14 -1.42
N GLN B 324 -27.38 8.14 -2.51
CA GLN B 324 -28.62 8.92 -2.53
C GLN B 324 -29.64 8.37 -1.54
N GLN B 325 -29.82 7.06 -1.50
CA GLN B 325 -30.81 6.48 -0.60
C GLN B 325 -30.46 6.76 0.85
N LEU B 326 -29.20 6.57 1.23
CA LEU B 326 -28.80 6.85 2.61
C LEU B 326 -28.93 8.32 2.94
N ARG B 327 -28.59 9.19 1.99
CA ARG B 327 -28.71 10.62 2.24
C ARG B 327 -30.16 11.02 2.46
N GLU B 328 -31.08 10.48 1.65
CA GLU B 328 -32.49 10.77 1.84
C GLU B 328 -33.01 10.22 3.16
N ALA B 329 -32.59 9.02 3.53
CA ALA B 329 -33.00 8.47 4.81
C ALA B 329 -32.54 9.34 5.97
N ALA B 330 -31.28 9.78 5.93
CA ALA B 330 -30.78 10.67 6.96
C ALA B 330 -31.53 12.00 6.95
N HIS B 331 -31.86 12.50 5.77
CA HIS B 331 -32.66 13.72 5.65
C HIS B 331 -33.97 13.58 6.41
N ASP B 332 -34.73 12.52 6.11
CA ASP B 332 -36.04 12.36 6.75
C ASP B 332 -35.90 12.15 8.25
N ALA B 333 -34.95 11.32 8.66
CA ALA B 333 -34.75 11.06 10.08
C ALA B 333 -34.41 12.35 10.82
N GLU B 334 -33.48 13.13 10.28
CA GLU B 334 -33.07 14.36 10.95
C GLU B 334 -34.21 15.36 10.99
N VAL B 335 -35.04 15.40 9.94
CA VAL B 335 -36.21 16.28 9.98
C VAL B 335 -37.11 15.89 11.15
N LYS B 336 -37.35 14.59 11.32
CA LYS B 336 -38.20 14.14 12.42
C LYS B 336 -37.58 14.47 13.78
N LEU B 337 -36.28 14.21 13.96
CA LEU B 337 -35.64 14.52 15.22
C LEU B 337 -35.63 16.03 15.49
N GLN B 338 -35.54 16.86 14.45
CA GLN B 338 -35.57 18.29 14.69
C GLN B 338 -36.95 18.77 15.09
N ARG B 339 -38.01 18.24 14.46
CA ARG B 339 -39.34 18.57 14.95
C ARG B 339 -39.51 18.15 16.39
N ARG B 340 -38.99 16.97 16.72
CA ARG B 340 -39.01 16.47 18.10
C ARG B 340 -38.32 17.45 19.04
N HIS B 341 -37.14 17.95 18.64
CA HIS B 341 -36.33 18.81 19.49
C HIS B 341 -36.97 20.18 19.67
N GLU B 342 -37.56 20.72 18.60
CA GLU B 342 -38.28 21.98 18.75
C GLU B 342 -39.48 21.83 19.67
N HIS B 343 -40.20 20.70 19.57
CA HIS B 343 -41.28 20.47 20.52
C HIS B 343 -40.76 20.46 21.95
N GLN B 344 -39.64 19.75 22.18
CA GLN B 344 -39.05 19.71 23.52
C GLN B 344 -38.67 21.09 24.01
N GLU B 345 -37.99 21.87 23.16
CA GLU B 345 -37.54 23.19 23.58
C GLU B 345 -38.72 24.10 23.90
N ILE B 346 -39.76 24.07 23.06
CA ILE B 346 -40.92 24.92 23.30
C ILE B 346 -41.60 24.54 24.60
N GLN B 347 -41.75 23.24 24.87
CA GLN B 347 -42.41 22.86 26.12
C GLN B 347 -41.53 23.11 27.34
N ALA B 348 -40.21 23.18 27.14
CA ALA B 348 -39.32 23.28 28.29
C ALA B 348 -39.01 24.72 28.68
N ILE B 349 -38.64 25.55 27.72
CA ILE B 349 -38.06 26.85 28.05
C ILE B 349 -39.08 27.96 28.29
N ALA B 350 -40.31 27.80 27.81
CA ALA B 350 -41.30 28.86 27.88
C ALA B 350 -42.08 28.79 29.19
N GLU B 351 -43.06 29.69 29.34
CA GLU B 351 -43.72 29.86 30.62
C GLU B 351 -45.22 29.60 30.59
N ASP B 352 -45.95 30.15 29.61
CA ASP B 352 -47.38 29.95 29.53
C ASP B 352 -47.79 29.57 28.12
N ASP B 353 -49.10 29.39 27.92
CA ASP B 353 -49.60 28.74 26.70
C ASP B 353 -49.54 29.67 25.49
N GLU B 354 -49.68 30.98 25.70
CA GLU B 354 -49.76 31.90 24.56
C GLU B 354 -48.49 31.85 23.72
N GLU B 355 -47.34 31.96 24.37
CA GLU B 355 -46.10 31.86 23.62
C GLU B 355 -45.88 30.45 23.08
N ARG B 356 -46.38 29.41 23.77
CA ARG B 356 -46.36 28.08 23.16
C ARG B 356 -47.03 28.11 21.80
N LYS B 357 -48.26 28.62 21.73
CA LYS B 357 -49.01 28.55 20.48
C LYS B 357 -48.37 29.40 19.41
N ILE B 358 -47.94 30.62 19.73
CA ILE B 358 -47.37 31.47 18.69
C ILE B 358 -46.03 30.92 18.22
N LEU B 359 -45.21 30.42 19.14
CA LEU B 359 -43.92 29.85 18.76
C LEU B 359 -44.09 28.60 17.90
N GLU B 360 -45.06 27.74 18.25
CA GLU B 360 -45.26 26.54 17.45
C GLU B 360 -45.85 26.86 16.09
N GLN B 361 -46.71 27.88 16.01
CA GLN B 361 -47.21 28.29 14.71
C GLN B 361 -46.07 28.82 13.84
N PHE B 362 -45.18 29.62 14.43
CA PHE B 362 -44.03 30.11 13.68
C PHE B 362 -43.13 28.96 13.24
N HIS B 363 -42.89 27.99 14.13
CA HIS B 363 -42.05 26.85 13.79
C HIS B 363 -42.67 26.04 12.66
N LEU B 364 -43.99 25.84 12.70
CA LEU B 364 -44.67 25.12 11.63
C LEU B 364 -44.53 25.86 10.31
N GLN B 365 -44.71 27.19 10.33
CA GLN B 365 -44.56 27.96 9.10
C GLN B 365 -43.13 27.88 8.57
N LYS B 366 -42.14 27.98 9.46
CA LYS B 366 -40.74 27.91 9.04
C LYS B 366 -40.42 26.55 8.44
N THR B 367 -40.89 25.47 9.07
CA THR B 367 -40.63 24.14 8.54
C THR B 367 -41.31 23.96 7.18
N GLU B 368 -42.53 24.49 7.03
CA GLU B 368 -43.20 24.40 5.73
C GLU B 368 -42.40 25.15 4.65
N ILE B 369 -41.89 26.33 5.00
CA ILE B 369 -41.11 27.11 4.04
C ILE B 369 -39.85 26.35 3.64
N THR B 370 -39.16 25.76 4.63
CA THR B 370 -37.96 24.99 4.33
C THR B 370 -38.29 23.77 3.48
N HIS B 371 -39.41 23.12 3.76
CA HIS B 371 -39.83 21.97 2.97
C HIS B 371 -40.08 22.37 1.51
N SER B 372 -40.79 23.48 1.29
CA SER B 372 -41.05 23.93 -0.07
C SER B 372 -39.75 24.30 -0.78
N GLN B 373 -38.86 25.01 -0.11
CA GLN B 373 -37.60 25.39 -0.73
C GLN B 373 -36.74 24.18 -1.06
N THR B 374 -36.69 23.20 -0.15
CA THR B 374 -35.92 22.00 -0.40
C THR B 374 -36.47 21.21 -1.58
N LEU B 375 -37.79 21.10 -1.68
CA LEU B 375 -38.37 20.42 -2.83
C LEU B 375 -38.09 21.17 -4.12
N ALA B 376 -38.15 22.51 -4.09
CA ALA B 376 -37.86 23.28 -5.29
C ALA B 376 -36.41 23.08 -5.73
N VAL B 377 -35.47 23.12 -4.79
CA VAL B 377 -34.06 22.98 -5.18
C VAL B 377 -33.77 21.54 -5.59
N LEU B 378 -34.48 20.57 -5.01
CA LEU B 378 -34.33 19.18 -5.44
C LEU B 378 -34.83 19.00 -6.87
N SER B 379 -35.96 19.62 -7.21
CA SER B 379 -36.43 19.57 -8.59
C SER B 379 -35.45 20.27 -9.52
N GLN B 380 -34.84 21.36 -9.08
CA GLN B 380 -33.83 22.04 -9.89
C GLN B 380 -32.62 21.13 -10.13
N LYS B 381 -32.19 20.42 -9.10
CA LYS B 381 -31.08 19.48 -9.24
C LYS B 381 -31.44 18.36 -10.20
N ARG B 382 -32.67 17.85 -10.11
CA ARG B 382 -33.14 16.85 -11.06
C ARG B 382 -33.09 17.37 -12.48
N GLU B 383 -33.53 18.62 -12.69
CA GLU B 383 -33.54 19.18 -14.03
C GLU B 383 -32.10 19.38 -14.54
N LYS B 384 -31.20 19.80 -13.66
CA LYS B 384 -29.80 19.95 -14.05
C LYS B 384 -29.20 18.60 -14.46
N LEU B 385 -29.47 17.56 -13.68
CA LEU B 385 -28.99 16.23 -14.06
C LEU B 385 -29.61 15.78 -15.37
N ALA B 386 -30.88 16.13 -15.59
CA ALA B 386 -31.53 15.75 -16.85
C ALA B 386 -30.85 16.42 -18.04
N ARG B 387 -30.57 17.72 -17.94
CA ARG B 387 -29.91 18.39 -19.07
C ARG B 387 -28.49 17.88 -19.27
N LEU B 388 -27.78 17.59 -18.16
CA LEU B 388 -26.44 17.04 -18.30
C LEU B 388 -26.45 15.67 -18.97
N ALA B 389 -27.42 14.82 -18.62
CA ALA B 389 -27.53 13.51 -19.26
C ALA B 389 -27.91 13.66 -20.72
N ALA B 390 -28.79 14.61 -21.05
CA ALA B 390 -29.21 14.80 -22.43
C ALA B 390 -28.05 15.26 -23.31
N GLU B 391 -27.04 15.88 -22.72
CA GLU B 391 -25.88 16.35 -23.48
C GLU B 391 -25.04 15.17 -23.97
N GLY C 1 23.12 -37.13 45.80
CA GLY C 1 22.28 -37.72 44.78
C GLY C 1 22.59 -37.21 43.39
N MET C 2 23.59 -37.80 42.75
CA MET C 2 23.98 -37.40 41.40
C MET C 2 22.87 -37.72 40.42
N ASP C 3 22.78 -36.92 39.36
CA ASP C 3 21.72 -37.06 38.37
C ASP C 3 22.11 -38.15 37.37
N LEU C 4 21.37 -39.26 37.40
CA LEU C 4 21.67 -40.37 36.51
C LEU C 4 21.15 -40.14 35.09
N HIS C 5 19.99 -39.49 34.96
CA HIS C 5 19.37 -39.34 33.65
C HIS C 5 20.13 -38.40 32.75
N SER C 6 21.09 -37.65 33.27
CA SER C 6 21.95 -36.84 32.42
C SER C 6 22.77 -37.70 31.45
N LEU C 7 22.96 -38.98 31.77
CA LEU C 7 23.65 -39.87 30.84
C LEU C 7 22.80 -40.19 29.63
N LEU C 8 21.51 -39.92 29.70
CA LEU C 8 20.62 -40.05 28.55
C LEU C 8 20.68 -38.83 27.64
N GLU C 9 21.39 -37.77 28.05
CA GLU C 9 21.35 -36.50 27.34
C GLU C 9 22.73 -35.92 27.02
N LEU C 10 23.80 -36.36 27.70
CA LEU C 10 25.10 -35.72 27.50
C LEU C 10 25.62 -35.86 26.08
N GLY C 11 25.07 -36.79 25.30
CA GLY C 11 25.53 -36.95 23.94
C GLY C 11 25.05 -35.89 22.97
N THR C 12 24.15 -35.00 23.40
CA THR C 12 23.54 -34.01 22.53
C THR C 12 23.89 -32.58 22.89
N LYS C 13 24.94 -32.35 23.68
CA LYS C 13 25.38 -31.02 24.06
C LYS C 13 26.87 -30.86 23.73
N PRO C 14 27.19 -30.56 22.47
CA PRO C 14 28.60 -30.49 22.04
C PRO C 14 29.39 -29.35 22.64
N THR C 15 28.76 -28.43 23.39
CA THR C 15 29.43 -27.26 23.96
C THR C 15 30.12 -26.41 22.89
N ALA C 16 29.50 -26.31 21.72
CA ALA C 16 29.94 -25.47 20.61
C ALA C 16 31.41 -25.69 20.25
N PRO C 17 31.76 -26.82 19.66
CA PRO C 17 33.14 -27.05 19.21
C PRO C 17 33.31 -26.64 17.75
N HIS C 18 34.55 -26.70 17.29
CA HIS C 18 34.92 -26.36 15.93
C HIS C 18 35.58 -27.56 15.27
N VAL C 19 34.99 -28.06 14.19
CA VAL C 19 35.50 -29.25 13.50
C VAL C 19 35.71 -28.94 12.02
N ARG C 20 34.77 -28.23 11.41
CA ARG C 20 34.83 -27.96 9.99
C ARG C 20 36.09 -27.22 9.58
N ASN C 21 36.66 -27.63 8.44
CA ASN C 21 37.72 -26.89 7.77
C ASN C 21 37.57 -27.18 6.29
N LYS C 22 36.83 -26.32 5.59
CA LYS C 22 36.60 -26.45 4.15
C LYS C 22 37.32 -25.36 3.40
N LYS C 23 38.03 -25.74 2.33
CA LYS C 23 38.78 -24.80 1.52
C LYS C 23 37.87 -24.29 0.40
N VAL C 24 37.05 -23.30 0.73
CA VAL C 24 36.20 -22.66 -0.26
C VAL C 24 37.00 -21.53 -0.90
N ILE C 25 37.15 -21.60 -2.22
CA ILE C 25 38.03 -20.70 -2.96
C ILE C 25 37.19 -19.64 -3.65
N LEU C 26 37.62 -18.39 -3.52
CA LEU C 26 36.94 -17.25 -4.13
C LEU C 26 37.72 -16.81 -5.37
N PHE C 27 36.98 -16.34 -6.37
CA PHE C 27 37.56 -15.96 -7.66
C PHE C 27 37.37 -14.47 -7.88
N ASP C 28 38.44 -13.77 -8.22
CA ASP C 28 38.40 -12.37 -8.59
C ASP C 28 38.66 -12.29 -10.09
N THR C 29 37.60 -12.15 -10.87
CA THR C 29 37.69 -12.15 -12.32
C THR C 29 37.07 -10.87 -12.87
N ASN C 30 37.78 -10.23 -13.79
CA ASN C 30 37.22 -9.05 -14.47
C ASN C 30 36.01 -9.43 -15.31
N HIS C 31 36.05 -10.59 -15.95
CA HIS C 31 34.91 -11.10 -16.73
C HIS C 31 33.92 -11.82 -15.80
N GLN C 32 33.51 -11.10 -14.75
CA GLN C 32 32.65 -11.70 -13.73
C GLN C 32 31.32 -12.15 -14.31
N VAL C 33 30.67 -11.28 -15.08
CA VAL C 33 29.40 -11.66 -15.70
C VAL C 33 29.62 -12.76 -16.72
N SER C 34 30.74 -12.72 -17.43
CA SER C 34 31.02 -13.76 -18.43
C SER C 34 31.20 -15.11 -17.78
N ILE C 35 32.00 -15.19 -16.71
CA ILE C 35 32.21 -16.48 -16.04
C ILE C 35 30.93 -16.94 -15.38
N CYS C 36 30.12 -16.01 -14.87
CA CYS C 36 28.84 -16.40 -14.29
C CYS C 36 27.90 -16.99 -15.34
N ASN C 37 27.85 -16.38 -16.53
CA ASN C 37 27.05 -16.95 -17.60
C ASN C 37 27.59 -18.30 -18.04
N GLN C 38 28.91 -18.46 -18.02
CA GLN C 38 29.50 -19.76 -18.33
C GLN C 38 29.08 -20.81 -17.30
N ILE C 39 29.06 -20.42 -16.02
CA ILE C 39 28.61 -21.34 -14.97
C ILE C 39 27.16 -21.72 -15.18
N ILE C 40 26.31 -20.74 -15.52
CA ILE C 40 24.90 -21.04 -15.75
C ILE C 40 24.74 -21.97 -16.93
N ASP C 41 25.50 -21.75 -18.01
CA ASP C 41 25.43 -22.63 -19.18
C ASP C 41 25.90 -24.03 -18.82
N ALA C 42 26.92 -24.13 -17.96
CA ALA C 42 27.37 -25.45 -17.52
C ALA C 42 26.30 -26.16 -16.71
N ILE C 43 25.63 -25.42 -15.82
CA ILE C 43 24.62 -26.05 -14.95
C ILE C 43 23.41 -26.50 -15.77
N ASN C 44 22.97 -25.67 -16.71
CA ASN C 44 21.78 -26.03 -17.48
C ASN C 44 22.01 -27.27 -18.34
N SER C 45 23.28 -27.59 -18.62
CA SER C 45 23.64 -28.80 -19.33
C SER C 45 23.81 -30.00 -18.41
N GLY C 46 23.46 -29.87 -17.14
CA GLY C 46 23.58 -30.97 -16.20
C GLY C 46 25.00 -31.39 -15.92
N ILE C 47 25.89 -30.43 -15.68
CA ILE C 47 27.29 -30.70 -15.39
C ILE C 47 27.50 -30.58 -13.89
N ASP C 48 28.04 -31.64 -13.27
CA ASP C 48 28.29 -31.66 -11.84
C ASP C 48 29.70 -31.14 -11.58
N LEU C 49 29.79 -29.97 -10.93
CA LEU C 49 31.10 -29.38 -10.68
C LEU C 49 31.82 -30.04 -9.51
N GLY C 50 31.11 -30.77 -8.65
CA GLY C 50 31.74 -31.44 -7.54
C GLY C 50 32.44 -30.51 -6.58
N ASP C 51 33.78 -30.55 -6.57
CA ASP C 51 34.55 -29.68 -5.69
C ASP C 51 34.39 -28.22 -6.08
N LEU C 52 34.40 -27.93 -7.39
CA LEU C 52 34.26 -26.57 -7.88
C LEU C 52 32.86 -26.01 -7.66
N LEU C 53 31.92 -26.86 -7.25
CA LEU C 53 30.52 -26.44 -7.13
C LEU C 53 30.35 -25.32 -6.12
N GLU C 54 30.99 -25.47 -4.95
CA GLU C 54 30.86 -24.44 -3.92
C GLU C 54 31.42 -23.12 -4.40
N GLY C 55 32.59 -23.13 -5.05
CA GLY C 55 33.17 -21.91 -5.56
C GLY C 55 32.31 -21.25 -6.63
N GLY C 56 31.80 -22.05 -7.56
CA GLY C 56 30.97 -21.49 -8.61
C GLY C 56 29.69 -20.87 -8.09
N LEU C 57 29.02 -21.58 -7.18
CA LEU C 57 27.78 -21.03 -6.63
C LEU C 57 28.05 -19.82 -5.75
N LEU C 58 29.17 -19.79 -5.02
CA LEU C 58 29.53 -18.59 -4.29
C LEU C 58 29.84 -17.43 -5.22
N THR C 59 30.44 -17.72 -6.38
CA THR C 59 30.65 -16.67 -7.38
C THR C 59 29.33 -16.10 -7.86
N LEU C 60 28.36 -16.96 -8.15
CA LEU C 60 27.04 -16.48 -8.54
C LEU C 60 26.41 -15.65 -7.42
N CYS C 61 26.54 -16.13 -6.18
CA CYS C 61 26.01 -15.40 -5.03
C CYS C 61 26.60 -14.00 -4.92
N VAL C 62 27.93 -13.90 -4.98
CA VAL C 62 28.57 -12.60 -4.82
C VAL C 62 28.24 -11.71 -6.00
N GLU C 63 28.15 -12.26 -7.20
CA GLU C 63 27.76 -11.44 -8.35
C GLU C 63 26.38 -10.84 -8.16
N HIS C 64 25.40 -11.67 -7.78
CA HIS C 64 24.04 -11.18 -7.77
C HIS C 64 23.73 -10.30 -6.57
N TYR C 65 24.35 -10.55 -5.41
CA TYR C 65 24.01 -9.77 -4.22
C TYR C 65 25.01 -8.68 -3.88
N TYR C 66 26.24 -8.73 -4.40
CA TYR C 66 27.21 -7.69 -4.10
C TYR C 66 27.81 -7.05 -5.33
N ASN C 67 27.43 -7.49 -6.53
CA ASN C 67 27.96 -6.98 -7.79
C ASN C 67 29.49 -7.11 -7.81
N SER C 68 29.95 -8.33 -7.60
CA SER C 68 31.38 -8.68 -7.65
C SER C 68 32.19 -7.84 -6.66
N ASP C 69 31.65 -7.64 -5.46
CA ASP C 69 32.35 -6.96 -4.38
C ASP C 69 32.78 -8.01 -3.38
N LYS C 70 34.08 -8.07 -3.10
CA LYS C 70 34.64 -9.07 -2.21
C LYS C 70 34.92 -8.55 -0.82
N ASP C 71 35.21 -7.27 -0.67
CA ASP C 71 35.50 -6.71 0.64
C ASP C 71 34.28 -6.83 1.55
N LYS C 72 33.10 -6.48 1.04
CA LYS C 72 31.90 -6.55 1.85
C LYS C 72 31.44 -7.99 2.06
N PHE C 73 31.65 -8.85 1.06
CA PHE C 73 31.24 -10.24 1.19
C PHE C 73 32.01 -10.93 2.31
N ASN C 74 33.32 -10.72 2.38
CA ASN C 74 34.13 -11.41 3.38
C ASN C 74 33.91 -10.88 4.79
N THR C 75 33.31 -9.71 4.93
CA THR C 75 32.92 -9.18 6.23
C THR C 75 31.42 -9.29 6.47
N SER C 76 30.68 -9.94 5.57
CA SER C 76 29.26 -10.08 5.72
C SER C 76 28.91 -11.03 6.86
N PRO C 77 27.70 -10.94 7.40
CA PRO C 77 27.29 -11.89 8.46
C PRO C 77 27.36 -13.34 8.01
N ILE C 78 27.14 -13.63 6.72
CA ILE C 78 27.37 -14.97 6.20
C ILE C 78 28.80 -15.40 6.48
N ALA C 79 29.76 -14.54 6.14
CA ALA C 79 31.16 -14.88 6.31
C ALA C 79 31.51 -15.10 7.77
N LYS C 80 31.02 -14.24 8.67
CA LYS C 80 31.34 -14.40 10.08
C LYS C 80 30.71 -15.66 10.66
N TYR C 81 29.45 -15.94 10.29
CA TYR C 81 28.79 -17.12 10.82
C TYR C 81 29.49 -18.38 10.32
N LEU C 82 30.00 -18.36 9.08
CA LEU C 82 30.77 -19.49 8.59
C LEU C 82 32.17 -19.52 9.18
N ARG C 83 32.69 -18.38 9.62
CA ARG C 83 33.88 -18.39 10.47
C ARG C 83 33.63 -19.25 11.70
N ASP C 84 32.48 -19.02 12.35
CA ASP C 84 32.12 -19.83 13.50
C ASP C 84 31.93 -21.28 13.11
N ALA C 85 31.27 -21.54 11.99
CA ALA C 85 30.96 -22.91 11.59
C ALA C 85 32.16 -23.67 11.07
N GLY C 86 33.23 -22.98 10.66
CA GLY C 86 34.43 -23.65 10.22
C GLY C 86 34.63 -23.68 8.72
N TYR C 87 34.31 -22.58 8.05
CA TYR C 87 34.51 -22.46 6.61
C TYR C 87 35.66 -21.49 6.36
N GLU C 88 36.58 -21.87 5.47
CA GLU C 88 37.71 -21.01 5.11
C GLU C 88 37.49 -20.43 3.72
N PHE C 89 37.56 -19.11 3.63
CA PHE C 89 37.37 -18.39 2.38
C PHE C 89 38.68 -17.76 1.96
N ASP C 90 39.17 -18.13 0.79
CA ASP C 90 40.39 -17.56 0.23
C ASP C 90 40.14 -17.13 -1.20
N VAL C 91 40.82 -16.07 -1.61
CA VAL C 91 40.58 -15.44 -2.90
C VAL C 91 41.70 -15.81 -3.86
N ILE C 92 41.31 -16.14 -5.10
CA ILE C 92 42.25 -16.47 -6.16
C ILE C 92 42.05 -15.48 -7.30
N LYS C 93 43.14 -14.90 -7.78
CA LYS C 93 43.08 -13.84 -8.78
C LYS C 93 43.32 -14.43 -10.17
N ASN C 94 42.28 -15.03 -10.73
CA ASN C 94 42.31 -15.49 -12.12
C ASN C 94 41.67 -14.44 -13.02
N ALA C 95 42.37 -13.31 -13.13
CA ALA C 95 41.84 -12.16 -13.84
C ALA C 95 41.69 -12.43 -15.34
N ASP C 96 42.67 -13.11 -15.94
CA ASP C 96 42.69 -13.32 -17.37
C ASP C 96 41.89 -14.54 -17.82
N ALA C 97 41.27 -15.26 -16.89
CA ALA C 97 40.52 -16.45 -17.25
C ALA C 97 39.28 -16.09 -18.07
N THR C 98 39.09 -16.80 -19.17
CA THR C 98 37.93 -16.64 -20.03
C THR C 98 37.10 -17.90 -20.15
N ARG C 99 37.74 -19.04 -20.42
CA ARG C 99 37.06 -20.31 -20.40
C ARG C 99 36.79 -20.75 -18.97
N PHE C 100 35.67 -21.44 -18.77
CA PHE C 100 35.33 -21.93 -17.43
C PHE C 100 36.41 -22.88 -16.91
N LEU C 101 36.97 -23.71 -17.80
CA LEU C 101 37.94 -24.71 -17.40
C LEU C 101 39.20 -24.10 -16.83
N ASP C 102 39.47 -22.82 -17.10
CA ASP C 102 40.71 -22.21 -16.65
C ASP C 102 40.75 -22.08 -15.13
N VAL C 103 39.62 -21.74 -14.51
CA VAL C 103 39.62 -21.43 -13.08
C VAL C 103 39.62 -22.66 -12.18
N ILE C 104 39.21 -23.83 -12.68
CA ILE C 104 39.17 -25.03 -11.85
C ILE C 104 40.60 -25.50 -11.57
N PRO C 105 40.92 -25.88 -10.32
CA PRO C 105 42.24 -26.42 -9.98
C PRO C 105 42.50 -27.77 -10.65
N HIS C 109 41.07 -36.76 -10.49
CA HIS C 109 39.66 -37.10 -10.53
C HIS C 109 38.87 -36.10 -11.38
N TYR C 110 39.59 -35.15 -11.97
CA TYR C 110 38.97 -34.13 -12.81
C TYR C 110 38.60 -34.66 -14.19
N SER C 111 39.08 -35.85 -14.56
CA SER C 111 38.91 -36.33 -15.93
C SER C 111 37.45 -36.41 -16.37
N PRO C 112 36.52 -36.99 -15.61
CA PRO C 112 35.11 -36.93 -16.04
C PRO C 112 34.60 -35.51 -16.18
N LEU C 113 34.98 -34.62 -15.27
CA LEU C 113 34.52 -33.24 -15.35
C LEU C 113 35.08 -32.55 -16.58
N ILE C 114 36.37 -32.75 -16.87
CA ILE C 114 36.98 -32.15 -18.05
C ILE C 114 36.34 -32.68 -19.33
N LEU C 115 36.11 -34.00 -19.39
CA LEU C 115 35.45 -34.58 -20.56
C LEU C 115 34.04 -34.05 -20.74
N ALA C 116 33.32 -33.84 -19.64
CA ALA C 116 31.99 -33.24 -19.73
C ALA C 116 32.06 -31.81 -20.21
N LEU C 117 33.05 -31.05 -19.74
CA LEU C 117 33.21 -29.65 -20.14
C LEU C 117 33.73 -29.48 -21.56
N LYS C 118 34.29 -30.54 -22.16
CA LYS C 118 34.58 -30.52 -23.60
C LYS C 118 33.35 -30.23 -24.44
N THR C 119 32.15 -30.57 -23.97
CA THR C 119 30.94 -30.34 -24.74
C THR C 119 30.55 -28.86 -24.80
N LEU C 120 31.19 -28.00 -24.01
CA LEU C 120 30.87 -26.58 -24.02
C LEU C 120 31.52 -25.90 -25.22
N GLY C 128 20.30 -10.26 -16.33
CA GLY C 128 20.15 -10.69 -14.95
C GLY C 128 19.79 -12.16 -14.83
N ARG C 129 20.31 -12.97 -15.76
CA ARG C 129 20.03 -14.40 -15.76
C ARG C 129 20.53 -15.08 -14.50
N ILE C 130 21.52 -14.47 -13.82
CA ILE C 130 21.98 -14.99 -12.53
C ILE C 130 20.83 -14.96 -11.53
N GLY C 131 20.06 -13.87 -11.52
CA GLY C 131 18.91 -13.80 -10.66
C GLY C 131 17.86 -14.84 -10.99
N LEU C 132 17.65 -15.09 -12.29
CA LEU C 132 16.75 -16.17 -12.69
C LEU C 132 17.22 -17.49 -12.11
N PHE C 133 18.52 -17.78 -12.22
CA PHE C 133 19.03 -19.05 -11.73
C PHE C 133 18.87 -19.17 -10.22
N LEU C 134 19.22 -18.11 -9.48
CA LEU C 134 19.16 -18.17 -8.02
C LEU C 134 17.71 -18.28 -7.53
N SER C 135 16.80 -17.54 -8.15
CA SER C 135 15.40 -17.65 -7.78
C SER C 135 14.84 -19.02 -8.12
N PHE C 136 15.24 -19.58 -9.26
CA PHE C 136 14.81 -20.93 -9.62
C PHE C 136 15.30 -21.94 -8.59
N CYS C 137 16.54 -21.80 -8.15
CA CYS C 137 17.04 -22.68 -7.10
C CYS C 137 16.26 -22.50 -5.80
N SER C 138 15.98 -21.25 -5.42
CA SER C 138 15.25 -20.99 -4.19
C SER C 138 13.84 -21.57 -4.23
N LEU C 139 13.28 -21.70 -5.43
CA LEU C 139 11.96 -22.30 -5.56
C LEU C 139 11.91 -23.71 -4.98
N PHE C 140 13.06 -24.40 -4.95
CA PHE C 140 13.12 -25.76 -4.43
C PHE C 140 13.15 -25.82 -2.90
N LEU C 141 13.42 -24.70 -2.23
CA LEU C 141 13.57 -24.74 -0.78
C LEU C 141 12.31 -25.17 -0.03
N PRO C 142 11.10 -24.66 -0.32
CA PRO C 142 9.94 -25.01 0.53
C PRO C 142 9.69 -26.51 0.65
N LYS C 143 9.86 -27.28 -0.42
CA LYS C 143 9.63 -28.71 -0.40
C LYS C 143 10.89 -29.48 -0.77
N LEU C 144 12.03 -29.06 -0.23
CA LEU C 144 13.29 -29.74 -0.55
C LEU C 144 13.43 -31.07 0.16
N VAL C 145 12.99 -31.18 1.41
CA VAL C 145 13.20 -32.39 2.20
C VAL C 145 12.11 -33.43 2.01
N VAL C 146 11.02 -33.09 1.32
CA VAL C 146 9.95 -34.07 1.12
C VAL C 146 10.32 -35.06 0.03
N GLY C 147 11.36 -34.78 -0.74
CA GLY C 147 11.77 -35.65 -1.82
C GLY C 147 11.95 -34.89 -3.12
N ASP C 148 11.68 -35.55 -4.25
CA ASP C 148 11.76 -34.91 -5.55
C ASP C 148 10.41 -34.72 -6.23
N ARG C 149 9.47 -35.65 -6.04
CA ARG C 149 8.16 -35.52 -6.67
C ARG C 149 7.48 -34.23 -6.24
N ALA C 150 7.18 -34.11 -4.95
CA ALA C 150 6.51 -32.92 -4.44
C ALA C 150 7.38 -31.69 -4.61
N SER C 151 8.70 -31.86 -4.58
CA SER C 151 9.60 -30.73 -4.79
C SER C 151 9.39 -30.12 -6.17
N ILE C 152 9.42 -30.94 -7.22
CA ILE C 152 9.23 -30.40 -8.55
C ILE C 152 7.79 -29.95 -8.77
N GLU C 153 6.84 -30.60 -8.09
CA GLU C 153 5.45 -30.16 -8.21
C GLU C 153 5.27 -28.74 -7.67
N LYS C 154 5.82 -28.49 -6.48
CA LYS C 154 5.74 -27.13 -5.95
C LYS C 154 6.59 -26.15 -6.73
N ALA C 155 7.70 -26.60 -7.32
CA ALA C 155 8.47 -25.72 -8.20
C ALA C 155 7.63 -25.29 -9.40
N LEU C 156 6.92 -26.24 -10.02
CA LEU C 156 6.05 -25.90 -11.14
C LEU C 156 4.94 -24.96 -10.70
N ARG C 157 4.33 -25.23 -9.55
CA ARG C 157 3.27 -24.34 -9.05
C ARG C 157 3.80 -22.94 -8.82
N GLN C 158 4.99 -22.82 -8.23
CA GLN C 158 5.57 -21.51 -7.97
C GLN C 158 5.90 -20.78 -9.27
N VAL C 159 6.42 -21.51 -10.25
CA VAL C 159 6.68 -20.88 -11.56
C VAL C 159 5.39 -20.36 -12.16
N THR C 160 4.32 -21.16 -12.12
CA THR C 160 3.06 -20.73 -12.69
C THR C 160 2.53 -19.49 -11.98
N VAL C 161 2.56 -19.49 -10.64
CA VAL C 161 1.99 -18.36 -9.92
C VAL C 161 2.83 -17.10 -10.13
N HIS C 162 4.16 -17.25 -10.19
CA HIS C 162 5.01 -16.09 -10.40
C HIS C 162 4.84 -15.51 -11.80
N GLN C 163 4.70 -16.37 -12.81
CA GLN C 163 4.38 -15.87 -14.15
C GLN C 163 3.04 -15.18 -14.15
N GLU C 164 2.06 -15.71 -13.42
CA GLU C 164 0.74 -15.10 -13.39
C GLU C 164 0.79 -13.72 -12.74
N GLN C 165 1.58 -13.56 -11.68
CA GLN C 165 1.76 -12.25 -11.07
C GLN C 165 2.52 -11.28 -11.96
N GLY C 166 3.17 -11.78 -13.02
CA GLY C 166 3.95 -10.91 -13.88
C GLY C 166 5.31 -10.54 -13.31
N ILE C 167 5.76 -11.24 -12.28
CA ILE C 167 7.06 -10.92 -11.68
C ILE C 167 8.19 -11.36 -12.61
N VAL C 168 8.19 -12.63 -13.00
CA VAL C 168 9.26 -13.22 -13.80
C VAL C 168 8.68 -14.15 -14.85
N THR C 169 9.36 -14.22 -16.00
CA THR C 169 9.03 -15.14 -17.08
C THR C 169 10.29 -15.99 -17.33
N TYR C 170 10.27 -17.22 -16.85
CA TYR C 170 11.44 -18.07 -16.92
C TYR C 170 11.64 -18.62 -18.33
N PRO C 171 12.86 -19.03 -18.68
CA PRO C 171 13.06 -19.74 -19.95
C PRO C 171 12.27 -21.03 -19.99
N ASN C 172 11.74 -21.34 -21.17
CA ASN C 172 10.91 -22.53 -21.31
C ASN C 172 11.71 -23.81 -21.08
N HIS C 173 12.98 -23.82 -21.51
CA HIS C 173 13.78 -25.02 -21.38
C HIS C 173 14.08 -25.36 -19.92
N TRP C 174 14.09 -24.37 -19.03
CA TRP C 174 14.29 -24.66 -17.62
C TRP C 174 13.13 -25.44 -17.02
N LEU C 175 11.96 -25.43 -17.65
CA LEU C 175 10.80 -26.12 -17.10
C LEU C 175 10.77 -27.60 -17.44
N THR C 176 11.77 -28.10 -18.17
CA THR C 176 11.83 -29.53 -18.47
C THR C 176 12.18 -30.32 -17.21
N THR C 177 11.61 -31.53 -17.13
CA THR C 177 11.76 -32.33 -15.92
C THR C 177 13.22 -32.60 -15.60
N GLY C 178 14.04 -32.86 -16.63
CA GLY C 178 15.45 -33.08 -16.38
C GLY C 178 16.12 -31.89 -15.73
N HIS C 179 15.73 -30.67 -16.11
CA HIS C 179 16.38 -29.49 -15.56
C HIS C 179 16.05 -29.32 -14.08
N MET C 180 14.77 -29.47 -13.69
CA MET C 180 14.45 -29.40 -12.28
C MET C 180 15.08 -30.53 -11.50
N LYS C 181 15.21 -31.71 -12.14
CA LYS C 181 15.92 -32.80 -11.46
C LYS C 181 17.37 -32.42 -11.17
N VAL C 182 18.04 -31.83 -12.16
CA VAL C 182 19.43 -31.42 -11.98
C VAL C 182 19.53 -30.35 -10.89
N ILE C 183 18.61 -29.39 -10.90
CA ILE C 183 18.65 -28.32 -9.90
C ILE C 183 18.37 -28.88 -8.51
N PHE C 184 17.44 -29.83 -8.41
CA PHE C 184 17.17 -30.47 -7.12
C PHE C 184 18.41 -31.19 -6.61
N GLY C 185 19.09 -31.92 -7.49
CA GLY C 185 20.30 -32.61 -7.07
C GLY C 185 21.38 -31.65 -6.62
N ILE C 186 21.61 -30.60 -7.40
CA ILE C 186 22.67 -29.65 -7.07
C ILE C 186 22.36 -28.91 -5.79
N LEU C 187 21.09 -28.61 -5.53
CA LEU C 187 20.73 -27.91 -4.31
C LEU C 187 20.79 -28.83 -3.10
N ARG C 188 20.36 -30.08 -3.25
CA ARG C 188 20.37 -31.01 -2.12
C ARG C 188 21.80 -31.38 -1.74
N SER C 189 22.69 -31.48 -2.72
CA SER C 189 24.07 -31.86 -2.44
C SER C 189 24.92 -30.71 -1.93
N SER C 190 24.47 -29.46 -2.07
CA SER C 190 25.27 -28.29 -1.72
C SER C 190 24.64 -27.57 -0.54
N PHE C 191 25.43 -27.39 0.52
CA PHE C 191 24.96 -26.65 1.69
C PHE C 191 25.07 -25.15 1.49
N ILE C 192 26.09 -24.69 0.77
CA ILE C 192 26.37 -23.26 0.68
C ILE C 192 25.24 -22.54 -0.06
N LEU C 193 24.71 -23.16 -1.11
CA LEU C 193 23.59 -22.56 -1.84
C LEU C 193 22.39 -22.35 -0.92
N LYS C 194 21.97 -23.42 -0.23
CA LYS C 194 20.93 -23.28 0.77
C LYS C 194 21.23 -22.12 1.69
N PHE C 195 22.32 -22.21 2.44
CA PHE C 195 22.54 -21.26 3.52
C PHE C 195 22.56 -19.82 3.02
N VAL C 196 23.18 -19.56 1.87
CA VAL C 196 23.19 -18.19 1.37
C VAL C 196 21.78 -17.76 1.01
N LEU C 197 20.98 -18.66 0.42
CA LEU C 197 19.61 -18.28 0.06
C LEU C 197 18.78 -17.97 1.30
N ILE C 198 18.84 -18.84 2.31
CA ILE C 198 18.10 -18.57 3.55
C ILE C 198 18.59 -17.29 4.23
N HIS C 199 19.90 -17.07 4.27
CA HIS C 199 20.39 -15.86 4.93
C HIS C 199 19.93 -14.61 4.19
N GLN C 200 19.98 -14.62 2.87
CA GLN C 200 19.53 -13.46 2.10
C GLN C 200 18.04 -13.23 2.28
N GLY C 201 17.25 -14.31 2.28
CA GLY C 201 15.82 -14.15 2.48
C GLY C 201 15.48 -13.63 3.87
N VAL C 202 16.17 -14.14 4.89
CA VAL C 202 15.84 -13.76 6.26
C VAL C 202 16.29 -12.35 6.57
N ASN C 203 17.54 -12.02 6.25
CA ASN C 203 18.14 -10.79 6.75
C ASN C 203 17.84 -9.57 5.88
N LEU C 204 17.30 -9.75 4.68
CA LEU C 204 16.86 -8.63 3.87
C LEU C 204 15.72 -7.90 4.56
N VAL C 205 15.81 -6.57 4.62
CA VAL C 205 14.78 -5.74 5.24
C VAL C 205 13.93 -5.06 4.18
N THR C 206 14.54 -4.24 3.33
CA THR C 206 13.85 -3.56 2.24
C THR C 206 14.70 -3.69 0.98
N GLY C 207 14.31 -2.95 -0.06
CA GLY C 207 15.10 -2.92 -1.26
C GLY C 207 15.05 -4.16 -2.10
N HIS C 208 14.03 -4.99 -1.94
CA HIS C 208 13.89 -6.18 -2.76
C HIS C 208 13.56 -5.80 -4.19
N ASP C 209 14.31 -6.36 -5.14
CA ASP C 209 13.87 -6.35 -6.52
C ASP C 209 12.92 -7.54 -6.70
N ALA C 210 12.59 -7.88 -7.95
CA ALA C 210 11.76 -9.05 -8.17
C ALA C 210 12.46 -10.31 -7.70
N TYR C 211 13.76 -10.39 -7.94
CA TYR C 211 14.50 -11.63 -7.70
C TYR C 211 14.67 -11.87 -6.21
N ASP C 212 15.11 -10.84 -5.48
CA ASP C 212 15.19 -10.95 -4.02
C ASP C 212 13.82 -11.15 -3.40
N SER C 213 12.78 -10.60 -4.02
CA SER C 213 11.42 -10.86 -3.53
C SER C 213 11.07 -12.33 -3.65
N ILE C 214 11.43 -12.96 -4.77
CA ILE C 214 11.18 -14.39 -4.92
C ILE C 214 11.98 -15.17 -3.89
N ILE C 215 13.25 -14.77 -3.69
CA ILE C 215 14.08 -15.45 -2.69
C ILE C 215 13.44 -15.36 -1.32
N SER C 216 12.99 -14.17 -0.93
CA SER C 216 12.41 -13.97 0.38
C SER C 216 11.10 -14.76 0.53
N ASN C 217 10.27 -14.77 -0.52
CA ASN C 217 9.03 -15.53 -0.46
C ASN C 217 9.31 -17.02 -0.30
N SER C 218 10.28 -17.55 -1.05
CA SER C 218 10.62 -18.96 -0.94
C SER C 218 11.17 -19.28 0.45
N VAL C 219 12.00 -18.40 1.00
CA VAL C 219 12.54 -18.63 2.33
C VAL C 219 11.42 -18.62 3.37
N GLY C 220 10.50 -17.67 3.25
CA GLY C 220 9.37 -17.63 4.17
C GLY C 220 8.51 -18.87 4.09
N GLN C 221 8.27 -19.35 2.88
CA GLN C 221 7.55 -20.61 2.71
C GLN C 221 8.35 -21.80 3.21
N THR C 222 9.67 -21.67 3.30
CA THR C 222 10.53 -22.76 3.72
C THR C 222 10.63 -22.87 5.24
N ARG C 223 10.08 -21.91 5.97
CA ARG C 223 10.14 -21.94 7.44
C ARG C 223 9.54 -23.24 7.97
N PHE C 224 10.30 -23.90 8.85
CA PHE C 224 9.87 -25.16 9.47
C PHE C 224 9.53 -26.21 8.43
N SER C 225 10.29 -26.25 7.34
CA SER C 225 10.13 -27.31 6.35
C SER C 225 10.70 -28.59 6.90
N GLY C 226 9.90 -29.65 6.90
CA GLY C 226 10.31 -30.91 7.48
C GLY C 226 10.25 -30.94 8.99
N LEU C 227 9.79 -29.88 9.63
CA LEU C 227 9.65 -29.81 11.08
C LEU C 227 8.21 -29.57 11.49
N LEU C 228 7.27 -30.21 10.79
CA LEU C 228 5.86 -30.07 11.15
C LEU C 228 5.57 -30.55 12.56
N ILE C 229 6.37 -31.50 13.07
CA ILE C 229 6.19 -31.95 14.44
C ILE C 229 6.39 -30.80 15.42
N VAL C 230 7.37 -29.93 15.14
CA VAL C 230 7.63 -28.81 16.03
C VAL C 230 6.43 -27.88 16.08
N LYS C 231 5.92 -27.48 14.91
CA LYS C 231 4.77 -26.58 14.88
C LYS C 231 3.56 -27.22 15.55
N THR C 232 3.29 -28.49 15.25
CA THR C 232 2.11 -29.15 15.82
C THR C 232 2.20 -29.20 17.33
N VAL C 233 3.34 -29.64 17.87
CA VAL C 233 3.47 -29.76 19.31
C VAL C 233 3.40 -28.39 19.99
N LEU C 234 4.07 -27.39 19.41
CA LEU C 234 4.11 -26.09 20.08
C LEU C 234 2.80 -25.31 19.97
N GLU C 235 2.01 -25.54 18.92
CA GLU C 235 0.79 -24.78 18.73
C GLU C 235 -0.47 -25.56 19.08
N PHE C 236 -0.35 -26.85 19.44
CA PHE C 236 -1.53 -27.65 19.70
C PHE C 236 -1.44 -28.48 20.98
N ILE C 237 -0.30 -28.49 21.67
CA ILE C 237 -0.13 -29.26 22.90
C ILE C 237 0.32 -28.37 24.05
N LEU C 238 1.41 -27.63 23.86
CA LEU C 238 1.89 -26.69 24.87
C LEU C 238 1.35 -25.31 24.55
N GLN C 239 0.61 -24.73 25.49
CA GLN C 239 0.03 -23.41 25.32
C GLN C 239 0.43 -22.53 26.51
N LYS C 240 0.72 -21.26 26.24
CA LYS C 240 0.97 -20.29 27.32
C LYS C 240 -0.35 -19.61 27.68
N THR C 241 -0.74 -19.76 28.94
CA THR C 241 -1.80 -18.96 29.54
C THR C 241 -1.17 -17.88 30.40
N ASP C 242 -2.01 -17.16 31.15
CA ASP C 242 -1.50 -16.19 32.10
C ASP C 242 -0.72 -16.86 33.24
N SER C 243 -0.92 -18.17 33.44
CA SER C 243 -0.19 -18.93 34.43
C SER C 243 0.96 -19.74 33.83
N GLY C 244 1.54 -19.26 32.74
CA GLY C 244 2.62 -19.99 32.10
C GLY C 244 2.14 -21.02 31.11
N VAL C 245 3.05 -21.94 30.76
CA VAL C 245 2.77 -22.96 29.78
C VAL C 245 1.88 -24.03 30.39
N THR C 246 0.87 -24.47 29.64
CA THR C 246 -0.05 -25.51 30.07
C THR C 246 0.09 -26.73 29.16
N LEU C 247 -0.37 -27.87 29.66
CA LEU C 247 -0.32 -29.13 28.93
C LEU C 247 -1.70 -29.44 28.37
N HIS C 248 -1.73 -30.02 27.17
CA HIS C 248 -3.00 -30.40 26.58
C HIS C 248 -3.66 -31.48 27.43
N PRO C 249 -4.98 -31.41 27.63
CA PRO C 249 -5.65 -32.44 28.44
C PRO C 249 -5.49 -33.84 27.90
N LEU C 250 -5.38 -34.00 26.58
CA LEU C 250 -5.31 -35.31 25.98
C LEU C 250 -3.95 -35.97 26.17
N VAL C 251 -2.93 -35.22 26.58
CA VAL C 251 -1.57 -35.75 26.67
C VAL C 251 -1.05 -35.78 28.11
N ARG C 252 -1.95 -35.78 29.09
CA ARG C 252 -1.49 -35.85 30.48
C ARG C 252 -1.02 -37.24 30.88
N THR C 253 -1.19 -38.25 30.03
CA THR C 253 -0.72 -39.59 30.36
C THR C 253 0.81 -39.63 30.37
N SER C 254 1.36 -40.48 31.24
CA SER C 254 2.81 -40.66 31.31
C SER C 254 3.37 -41.20 30.01
N LYS C 255 2.62 -42.08 29.34
CA LYS C 255 2.97 -42.58 28.00
C LYS C 255 3.57 -41.47 27.15
N VAL C 256 2.85 -40.36 27.03
CA VAL C 256 3.33 -39.23 26.27
C VAL C 256 3.91 -38.12 27.13
N LYS C 257 3.77 -38.20 28.46
CA LYS C 257 4.40 -37.21 29.31
C LYS C 257 5.92 -37.32 29.24
N ASN C 258 6.45 -38.54 29.35
CA ASN C 258 7.89 -38.71 29.17
C ASN C 258 8.31 -38.32 27.77
N GLU C 259 7.45 -38.59 26.78
CA GLU C 259 7.75 -38.24 25.40
C GLU C 259 7.81 -36.72 25.21
N VAL C 260 6.93 -35.97 25.86
CA VAL C 260 6.98 -34.52 25.82
C VAL C 260 8.21 -34.00 26.54
N ALA C 261 8.62 -34.66 27.63
CA ALA C 261 9.87 -34.26 28.28
C ALA C 261 11.05 -34.42 27.32
N SER C 262 11.10 -35.55 26.60
CA SER C 262 12.16 -35.76 25.62
C SER C 262 12.08 -34.73 24.50
N PHE C 263 10.86 -34.40 24.05
CA PHE C 263 10.69 -33.40 23.01
C PHE C 263 11.16 -32.03 23.48
N LYS C 264 10.88 -31.70 24.74
CA LYS C 264 11.37 -30.45 25.30
C LYS C 264 12.89 -30.42 25.32
N GLN C 265 13.51 -31.53 25.69
CA GLN C 265 14.97 -31.62 25.64
C GLN C 265 15.49 -31.38 24.24
N ALA C 266 14.90 -32.04 23.24
CA ALA C 266 15.36 -31.88 21.87
C ALA C 266 15.15 -30.46 21.38
N LEU C 267 14.02 -29.85 21.75
CA LEU C 267 13.74 -28.47 21.35
C LEU C 267 14.75 -27.50 21.97
N SER C 268 15.09 -27.71 23.24
CA SER C 268 16.09 -26.86 23.88
C SER C 268 17.45 -27.05 23.22
N ASN C 269 17.77 -28.29 22.82
CA ASN C 269 19.02 -28.52 22.08
C ASN C 269 19.01 -27.78 20.75
N LEU C 270 17.88 -27.78 20.05
CA LEU C 270 17.77 -27.06 18.79
C LEU C 270 17.77 -25.54 18.99
N ALA C 271 17.48 -25.08 20.21
CA ALA C 271 17.39 -23.65 20.47
C ALA C 271 18.72 -22.94 20.23
N ARG C 272 19.83 -23.57 20.60
CA ARG C 272 21.12 -22.90 20.53
C ARG C 272 21.54 -22.55 19.10
N HIS C 273 20.89 -23.11 18.09
CA HIS C 273 21.23 -22.76 16.71
C HIS C 273 20.90 -21.30 16.41
N GLY C 274 19.76 -20.82 16.91
CA GLY C 274 19.42 -19.42 16.76
C GLY C 274 18.36 -19.14 15.72
N GLU C 275 18.58 -18.09 14.92
CA GLU C 275 17.58 -17.64 13.96
C GLU C 275 17.36 -18.65 12.84
N TYR C 276 18.29 -19.57 12.62
CA TYR C 276 18.16 -20.55 11.56
C TYR C 276 17.52 -21.85 12.04
N ALA C 277 17.00 -21.86 13.27
CA ALA C 277 16.32 -23.05 13.77
C ALA C 277 15.18 -23.52 12.88
N PRO C 278 14.31 -22.65 12.34
CA PRO C 278 13.25 -23.17 11.44
C PRO C 278 13.78 -23.92 10.24
N PHE C 279 14.98 -23.60 9.76
CA PHE C 279 15.56 -24.26 8.60
C PHE C 279 16.49 -25.39 9.00
N ALA C 280 16.32 -25.95 10.21
CA ALA C 280 17.24 -26.97 10.69
C ALA C 280 17.20 -28.22 9.81
N ARG C 281 16.01 -28.66 9.43
CA ARG C 281 15.91 -29.84 8.56
C ARG C 281 16.44 -29.53 7.17
N VAL C 282 16.24 -28.31 6.68
CA VAL C 282 16.72 -27.96 5.35
C VAL C 282 18.25 -27.99 5.31
N LEU C 283 18.89 -27.42 6.33
CA LEU C 283 20.35 -27.31 6.35
C LEU C 283 21.03 -28.42 7.14
N ASN C 284 20.26 -29.31 7.76
CA ASN C 284 20.80 -30.43 8.55
C ASN C 284 21.71 -29.93 9.67
N LEU C 285 21.13 -29.14 10.56
CA LEU C 285 21.88 -28.61 11.69
C LEU C 285 22.03 -29.68 12.77
N SER C 286 22.80 -29.34 13.81
CA SER C 286 22.98 -30.25 14.93
C SER C 286 21.69 -30.39 15.71
N GLY C 287 21.42 -31.60 16.17
CA GLY C 287 20.21 -31.89 16.92
C GLY C 287 18.97 -32.10 16.08
N ILE C 288 19.09 -32.04 14.75
CA ILE C 288 17.92 -32.23 13.90
C ILE C 288 17.43 -33.66 13.96
N ASN C 289 18.33 -34.62 14.12
CA ASN C 289 17.92 -36.02 14.23
C ASN C 289 17.24 -36.33 15.55
N ASN C 290 17.32 -35.43 16.53
CA ASN C 290 16.62 -35.60 17.79
C ASN C 290 15.18 -35.13 17.74
N LEU C 291 14.77 -34.47 16.65
CA LEU C 291 13.38 -34.12 16.42
C LEU C 291 12.69 -35.12 15.48
N GLU C 292 13.13 -36.36 15.50
CA GLU C 292 12.64 -37.37 14.56
C GLU C 292 11.23 -37.82 14.95
N HIS C 293 10.45 -38.17 13.93
CA HIS C 293 9.12 -38.74 14.20
C HIS C 293 9.24 -40.10 14.87
N GLY C 294 10.23 -40.90 14.46
CA GLY C 294 10.41 -42.21 15.06
C GLY C 294 10.67 -42.17 16.55
N LEU C 295 11.44 -41.19 17.00
CA LEU C 295 11.73 -41.07 18.43
C LEU C 295 10.55 -40.57 19.24
N TYR C 296 9.53 -40.01 18.59
CA TYR C 296 8.30 -39.59 19.27
C TYR C 296 7.10 -40.10 18.49
N PRO C 297 6.88 -41.41 18.45
CA PRO C 297 5.75 -41.94 17.66
C PRO C 297 4.39 -41.48 18.17
N GLN C 298 4.11 -41.76 19.45
CA GLN C 298 2.82 -41.39 20.01
C GLN C 298 2.63 -39.88 20.02
N LEU C 299 3.66 -39.13 20.41
CA LEU C 299 3.54 -37.69 20.46
C LEU C 299 3.31 -37.11 19.07
N SER C 300 4.04 -37.59 18.06
CA SER C 300 3.86 -37.08 16.71
C SER C 300 2.45 -37.39 16.22
N ALA C 301 1.98 -38.61 16.42
CA ALA C 301 0.64 -38.97 15.95
C ALA C 301 -0.43 -38.13 16.64
N ILE C 302 -0.31 -37.96 17.97
CA ILE C 302 -1.30 -37.19 18.71
C ILE C 302 -1.30 -35.73 18.28
N ALA C 303 -0.11 -35.14 18.18
CA ALA C 303 -0.02 -33.74 17.79
C ALA C 303 -0.57 -33.52 16.40
N LEU C 304 -0.25 -34.42 15.46
CA LEU C 304 -0.76 -34.28 14.11
C LEU C 304 -2.27 -34.45 14.06
N GLY C 305 -2.82 -35.38 14.86
CA GLY C 305 -4.26 -35.52 14.90
C GLY C 305 -4.95 -34.28 15.44
N VAL C 306 -4.41 -33.71 16.52
CA VAL C 306 -4.98 -32.49 17.08
C VAL C 306 -4.91 -31.36 16.07
N ALA C 307 -3.76 -31.23 15.40
CA ALA C 307 -3.60 -30.18 14.39
C ALA C 307 -4.57 -30.36 13.24
N THR C 308 -4.78 -31.60 12.80
CA THR C 308 -5.77 -31.87 11.75
C THR C 308 -7.16 -31.50 12.22
N ALA C 309 -7.46 -31.76 13.50
CA ALA C 309 -8.75 -31.36 14.05
C ALA C 309 -8.91 -29.84 14.00
N HIS C 310 -7.83 -29.10 14.28
CA HIS C 310 -7.91 -27.65 14.18
C HIS C 310 -7.78 -27.19 12.74
N GLY C 311 -6.66 -27.48 12.10
CA GLY C 311 -6.44 -27.05 10.73
C GLY C 311 -6.98 -28.02 9.71
N SER C 312 -7.89 -27.55 8.84
CA SER C 312 -8.49 -28.43 7.86
C SER C 312 -7.47 -28.93 6.84
N THR C 313 -6.59 -28.05 6.38
CA THR C 313 -5.64 -28.42 5.32
C THR C 313 -4.59 -29.40 5.81
N LEU C 314 -4.42 -29.56 7.11
CA LEU C 314 -3.42 -30.47 7.65
C LEU C 314 -3.78 -31.93 7.45
N ALA C 315 -5.02 -32.22 7.03
CA ALA C 315 -5.40 -33.61 6.79
C ALA C 315 -4.74 -34.19 5.56
N GLY C 316 -4.11 -33.36 4.74
CA GLY C 316 -3.45 -33.83 3.54
C GLY C 316 -2.08 -34.42 3.74
N VAL C 317 -1.55 -34.42 4.96
CA VAL C 317 -0.22 -34.96 5.20
C VAL C 317 -0.26 -36.47 5.10
N ASN C 318 0.68 -37.03 4.35
CA ASN C 318 0.85 -38.48 4.28
C ASN C 318 1.73 -38.92 5.43
N VAL C 319 1.32 -39.99 6.11
CA VAL C 319 2.03 -40.47 7.30
C VAL C 319 2.19 -41.98 7.18
N GLY C 320 3.16 -42.52 7.91
CA GLY C 320 3.38 -43.95 7.92
C GLY C 320 2.17 -44.71 8.42
N GLU C 321 2.04 -45.96 7.94
CA GLU C 321 0.86 -46.76 8.23
C GLU C 321 0.73 -47.10 9.71
N GLN C 322 1.81 -46.99 10.48
CA GLN C 322 1.73 -47.30 11.90
C GLN C 322 1.22 -46.12 12.72
N TYR C 323 0.91 -44.99 12.07
CA TYR C 323 0.46 -43.80 12.78
C TYR C 323 -0.97 -43.42 12.44
N GLN C 324 -1.57 -44.02 11.40
CA GLN C 324 -2.82 -43.52 10.87
C GLN C 324 -3.96 -43.69 11.87
N GLN C 325 -4.05 -44.86 12.50
CA GLN C 325 -5.14 -45.10 13.44
C GLN C 325 -5.07 -44.15 14.63
N LEU C 326 -3.87 -43.97 15.19
CA LEU C 326 -3.73 -43.05 16.32
C LEU C 326 -4.02 -41.62 15.91
N ARG C 327 -3.58 -41.22 14.71
CA ARG C 327 -3.84 -39.87 14.25
C ARG C 327 -5.34 -39.63 14.09
N GLU C 328 -6.06 -40.59 13.53
CA GLU C 328 -7.50 -40.45 13.37
C GLU C 328 -8.21 -40.42 14.73
N ALA C 329 -7.76 -41.25 15.68
CA ALA C 329 -8.36 -41.22 17.01
C ALA C 329 -8.15 -39.86 17.66
N ALA C 330 -6.94 -39.32 17.57
CA ALA C 330 -6.68 -37.99 18.12
C ALA C 330 -7.52 -36.93 17.41
N HIS C 331 -7.68 -37.07 16.10
CA HIS C 331 -8.53 -36.16 15.33
C HIS C 331 -9.94 -36.12 15.90
N ASP C 332 -10.56 -37.29 16.05
CA ASP C 332 -11.93 -37.35 16.53
C ASP C 332 -12.04 -36.82 17.96
N ALA C 333 -11.12 -37.25 18.82
CA ALA C 333 -11.14 -36.80 20.21
C ALA C 333 -11.02 -35.28 20.30
N GLU C 334 -10.07 -34.71 19.57
CA GLU C 334 -9.87 -33.27 19.63
C GLU C 334 -11.08 -32.53 19.06
N VAL C 335 -11.71 -33.08 18.02
CA VAL C 335 -12.93 -32.46 17.51
C VAL C 335 -13.99 -32.40 18.62
N LYS C 336 -14.16 -33.50 19.34
CA LYS C 336 -15.15 -33.52 20.41
C LYS C 336 -14.79 -32.53 21.53
N LEU C 337 -13.53 -32.50 21.95
CA LEU C 337 -13.13 -31.55 23.00
C LEU C 337 -13.28 -30.11 22.53
N GLN C 338 -13.06 -29.85 21.24
CA GLN C 338 -13.23 -28.47 20.77
C GLN C 338 -14.70 -28.07 20.73
N ARG C 339 -15.59 -28.96 20.31
CA ARG C 339 -17.01 -28.63 20.42
C ARG C 339 -17.40 -28.38 21.87
N ARG C 340 -16.85 -29.20 22.78
CA ARG C 340 -17.07 -29.02 24.21
C ARG C 340 -16.62 -27.63 24.66
N HIS C 341 -15.43 -27.22 24.22
CA HIS C 341 -14.84 -25.96 24.66
C HIS C 341 -15.59 -24.77 24.09
N GLU C 342 -16.04 -24.85 22.84
CA GLU C 342 -16.86 -23.78 22.29
C GLU C 342 -18.17 -23.66 23.03
N HIS C 343 -18.79 -24.78 23.39
CA HIS C 343 -20.00 -24.72 24.20
C HIS C 343 -19.72 -24.02 25.53
N GLN C 344 -18.61 -24.38 26.18
CA GLN C 344 -18.26 -23.74 27.45
C GLN C 344 -18.06 -22.24 27.28
N GLU C 345 -17.31 -21.84 26.26
CA GLU C 345 -17.03 -20.42 26.05
C GLU C 345 -18.31 -19.64 25.78
N ILE C 346 -19.18 -20.19 24.92
CA ILE C 346 -20.43 -19.50 24.60
C ILE C 346 -21.29 -19.34 25.84
N GLN C 347 -21.39 -20.39 26.67
CA GLN C 347 -22.23 -20.26 27.85
C GLN C 347 -21.58 -19.36 28.91
N ALA C 348 -20.26 -19.21 28.87
CA ALA C 348 -19.59 -18.48 29.94
C ALA C 348 -19.44 -16.99 29.65
N ILE C 349 -18.97 -16.62 28.45
CA ILE C 349 -18.55 -15.25 28.21
C ILE C 349 -19.67 -14.31 27.78
N ALA C 350 -20.79 -14.84 27.29
CA ALA C 350 -21.84 -14.01 26.74
C ALA C 350 -22.84 -13.59 27.83
N GLU C 351 -23.88 -12.87 27.42
CA GLU C 351 -24.76 -12.23 28.39
C GLU C 351 -26.21 -12.70 28.31
N ASP C 352 -26.79 -12.76 27.11
CA ASP C 352 -28.19 -13.17 26.96
C ASP C 352 -28.32 -14.20 25.84
N ASP C 353 -29.56 -14.63 25.61
CA ASP C 353 -29.80 -15.80 24.77
C ASP C 353 -29.61 -15.53 23.29
N GLU C 354 -29.86 -14.30 22.84
CA GLU C 354 -29.82 -14.02 21.41
C GLU C 354 -28.42 -14.26 20.84
N GLU C 355 -27.40 -13.70 21.50
CA GLU C 355 -26.04 -13.97 21.04
C GLU C 355 -25.65 -15.41 21.24
N ARG C 356 -26.17 -16.09 22.27
CA ARG C 356 -25.97 -17.53 22.36
C ARG C 356 -26.39 -18.22 21.07
N LYS C 357 -27.63 -17.98 20.64
CA LYS C 357 -28.15 -18.70 19.48
C LYS C 357 -27.39 -18.35 18.21
N ILE C 358 -27.11 -17.05 17.98
CA ILE C 358 -26.44 -16.70 16.74
C ILE C 358 -25.00 -17.21 16.75
N LEU C 359 -24.31 -17.12 17.89
CA LEU C 359 -22.94 -17.62 17.98
C LEU C 359 -22.88 -19.12 17.79
N GLU C 360 -23.82 -19.87 18.38
CA GLU C 360 -23.80 -21.31 18.21
C GLU C 360 -24.17 -21.71 16.79
N GLN C 361 -25.08 -20.97 16.15
CA GLN C 361 -25.38 -21.28 14.75
C GLN C 361 -24.15 -21.04 13.88
N PHE C 362 -23.43 -19.94 14.13
CA PHE C 362 -22.20 -19.69 13.38
C PHE C 362 -21.16 -20.77 13.65
N HIS C 363 -21.02 -21.18 14.90
CA HIS C 363 -20.05 -22.23 15.22
C HIS C 363 -20.41 -23.54 14.53
N LEU C 364 -21.70 -23.89 14.51
CA LEU C 364 -22.13 -25.10 13.83
C LEU C 364 -21.82 -25.02 12.35
N GLN C 365 -22.10 -23.87 11.72
CA GLN C 365 -21.79 -23.72 10.30
C GLN C 365 -20.30 -23.83 10.05
N LYS C 366 -19.49 -23.20 10.90
CA LYS C 366 -18.04 -23.26 10.73
C LYS C 366 -17.51 -24.67 10.87
N THR C 367 -18.01 -25.41 11.87
CA THR C 367 -17.58 -26.79 12.05
C THR C 367 -18.01 -27.65 10.88
N GLU C 368 -19.20 -27.42 10.35
CA GLU C 368 -19.63 -28.17 9.17
C GLU C 368 -18.73 -27.89 7.98
N ILE C 369 -18.37 -26.62 7.79
CA ILE C 369 -17.49 -26.27 6.68
C ILE C 369 -16.12 -26.94 6.83
N THR C 370 -15.58 -26.90 8.05
CA THR C 370 -14.29 -27.56 8.29
C THR C 370 -14.39 -29.06 8.07
N HIS C 371 -15.49 -29.67 8.49
CA HIS C 371 -15.69 -31.10 8.28
C HIS C 371 -15.71 -31.43 6.79
N SER C 372 -16.45 -30.66 6.00
CA SER C 372 -16.51 -30.90 4.56
C SER C 372 -15.15 -30.72 3.92
N GLN C 373 -14.42 -29.66 4.29
CA GLN C 373 -13.10 -29.42 3.71
C GLN C 373 -12.12 -30.53 4.08
N THR C 374 -12.16 -30.97 5.35
CA THR C 374 -11.27 -32.03 5.79
C THR C 374 -11.56 -33.33 5.05
N LEU C 375 -12.84 -33.66 4.86
CA LEU C 375 -13.16 -34.86 4.10
C LEU C 375 -12.72 -34.75 2.65
N ALA C 376 -12.89 -33.56 2.04
CA ALA C 376 -12.43 -33.38 0.67
C ALA C 376 -10.93 -33.56 0.55
N VAL C 377 -10.16 -32.96 1.46
CA VAL C 377 -8.71 -33.06 1.36
C VAL C 377 -8.25 -34.47 1.70
N LEU C 378 -8.98 -35.17 2.58
CA LEU C 378 -8.67 -36.56 2.86
C LEU C 378 -8.89 -37.44 1.64
N SER C 379 -9.99 -37.20 0.91
CA SER C 379 -10.21 -37.94 -0.34
C SER C 379 -9.13 -37.61 -1.35
N GLN C 380 -8.69 -36.35 -1.41
CA GLN C 380 -7.61 -35.98 -2.31
C GLN C 380 -6.32 -36.71 -1.96
N LYS C 381 -6.02 -36.81 -0.67
CA LYS C 381 -4.84 -37.56 -0.23
C LYS C 381 -4.95 -39.03 -0.58
N ARG C 382 -6.15 -39.61 -0.41
CA ARG C 382 -6.38 -40.99 -0.84
C ARG C 382 -6.12 -41.15 -2.32
N GLU C 383 -6.60 -40.22 -3.14
CA GLU C 383 -6.41 -40.31 -4.58
C GLU C 383 -4.94 -40.17 -4.94
N LYS C 384 -4.23 -39.28 -4.25
CA LYS C 384 -2.79 -39.13 -4.50
C LYS C 384 -2.04 -40.41 -4.16
N LEU C 385 -2.37 -41.02 -3.03
CA LEU C 385 -1.74 -42.29 -2.68
C LEU C 385 -2.09 -43.37 -3.69
N ALA C 386 -3.33 -43.35 -4.21
CA ALA C 386 -3.73 -44.33 -5.22
C ALA C 386 -2.91 -44.18 -6.48
N ARG C 387 -2.73 -42.95 -6.98
CA ARG C 387 -1.94 -42.78 -8.20
C ARG C 387 -0.48 -43.12 -7.96
N LEU C 388 0.05 -42.78 -6.77
CA LEU C 388 1.43 -43.13 -6.47
C LEU C 388 1.62 -44.65 -6.43
N ALA C 389 0.68 -45.37 -5.84
CA ALA C 389 0.76 -46.83 -5.80
C ALA C 389 0.63 -47.42 -7.20
N ALA C 390 -0.25 -46.85 -8.03
CA ALA C 390 -0.43 -47.36 -9.38
C ALA C 390 0.82 -47.18 -10.23
N GLU C 391 1.67 -46.23 -9.88
CA GLU C 391 2.91 -46.00 -10.63
C GLU C 391 3.90 -47.13 -10.41
#